data_5TKV
#
_entry.id   5TKV
#
_cell.length_a   159.159
_cell.length_b   110.675
_cell.length_c   129.487
_cell.angle_alpha   90.00
_cell.angle_beta   90.00
_cell.angle_gamma   90.00
#
_symmetry.space_group_name_H-M   'P 21 21 2'
#
loop_
_entity.id
_entity.type
_entity.pdbx_description
1 polymer 'CTP synthase'
2 non-polymer GLUTAMINE
3 non-polymer 'SULFATE ION'
4 non-polymer (4S)-2-METHYL-2,4-PENTANEDIOL
5 non-polymer 'MAGNESIUM ION'
6 non-polymer "CYTIDINE-5'-TRIPHOSPHATE"
7 non-polymer (4R)-2-METHYLPENTANE-2,4-DIOL
8 water water
#
_entity_poly.entity_id   1
_entity_poly.type   'polypeptide(L)'
_entity_poly.pdbx_seq_one_letter_code
;MGSSHHHHHHSSGLVPRGSHMTTNYIFVTGGVVSSLGKGIAAASLAAILEARGLNVTIMKLDPYINVDPGTMSPIQHGEV
FVTEDGAETDLDLGHYERFIRTKMSRRNNFTTGRIYSDVLRKERRGDYLGATVQVIPHITNAIKERVLEGGEGHDVVLVE
IGGTVGDIESLPFLEAIRQMAVEIGREHTLFMHLTLVPYMAASGEVKTKPTQHSVKELLSIGIQPDILICRSDRAVPANE
RAKIALFCNVPEKAVISLKDVDSIYKIPGLLKSQGLDDYICKRFSLNAPEANLSEWEQVIFEEANPVSEVTIGMVGKYIE
LPDAYKSVIEALKHGGLKNRVSVNIKLIDSQDVETRGVEILKGLDAILVPGGFGYRGVEGMITTARFARENNIPYLGICL
GMQVALIDYARHVANMENANSTEFVPDCKYPVVALITEWRDENGNVEVRSEKSDLGGTMRLGAQQCQLVDDSLVRQLYNA
PTIVERHRHRYEVNNMLLKQIEDAGLRVAGRSGDDQLVEIIEVPNHPWFVACQFHPEFTSTPRDGHPLFAGFVKAASEFQ
KRQAK
;
_entity_poly.pdbx_strand_id   A,B
#
loop_
_chem_comp.id
_chem_comp.type
_chem_comp.name
_chem_comp.formula
CTP non-polymer CYTIDINE-5'-TRIPHOSPHATE 'C9 H16 N3 O14 P3'
MG non-polymer 'MAGNESIUM ION' 'Mg 2'
MPD non-polymer (4S)-2-METHYL-2,4-PENTANEDIOL 'C6 H14 O2'
MRD non-polymer (4R)-2-METHYLPENTANE-2,4-DIOL 'C6 H14 O2'
SO4 non-polymer 'SULFATE ION' 'O4 S -2'
#
# COMPACT_ATOMS: atom_id res chain seq x y z
N MET A 21 -16.89 -40.11 -0.08
CA MET A 21 -16.77 -39.05 0.95
C MET A 21 -15.36 -39.01 1.60
N THR A 22 -14.26 -38.85 0.86
CA THR A 22 -12.98 -38.59 1.56
C THR A 22 -12.95 -37.12 2.00
N THR A 23 -12.48 -36.83 3.20
CA THR A 23 -12.42 -35.42 3.60
C THR A 23 -11.27 -34.65 2.94
N ASN A 24 -11.60 -33.45 2.40
CA ASN A 24 -10.67 -32.59 1.71
C ASN A 24 -10.32 -31.39 2.52
N TYR A 25 -9.04 -31.03 2.56
CA TYR A 25 -8.64 -29.85 3.35
C TYR A 25 -8.19 -28.73 2.43
N ILE A 26 -8.52 -27.50 2.78
CA ILE A 26 -7.95 -26.35 2.13
C ILE A 26 -7.21 -25.54 3.19
N PHE A 27 -5.90 -25.45 3.10
CA PHE A 27 -5.14 -24.76 4.14
C PHE A 27 -4.98 -23.33 3.72
N VAL A 28 -5.47 -22.41 4.55
CA VAL A 28 -5.36 -21.01 4.16
C VAL A 28 -4.26 -20.22 4.90
N THR A 29 -3.37 -19.57 4.17
CA THR A 29 -2.24 -18.88 4.82
C THR A 29 -2.15 -17.44 4.37
N GLY A 30 -1.30 -16.69 5.04
CA GLY A 30 -1.21 -15.29 4.74
C GLY A 30 0.22 -14.87 4.73
N GLY A 31 0.57 -14.03 3.73
CA GLY A 31 1.92 -13.55 3.54
C GLY A 31 2.00 -12.03 3.44
N VAL A 32 3.24 -11.52 3.47
CA VAL A 32 3.56 -10.11 3.45
C VAL A 32 3.22 -9.31 4.74
N VAL A 33 1.95 -9.28 5.13
CA VAL A 33 1.47 -8.52 6.32
C VAL A 33 0.27 -9.26 6.85
N SER A 34 -0.17 -8.91 8.05
CA SER A 34 -1.39 -9.48 8.69
C SER A 34 -2.47 -8.42 8.52
N SER A 35 -3.65 -8.62 9.11
CA SER A 35 -4.81 -7.76 8.80
C SER A 35 -5.15 -7.81 7.31
N LEU A 36 -4.81 -8.93 6.66
CA LEU A 36 -5.09 -9.17 5.25
C LEU A 36 -6.52 -9.55 4.91
N GLY A 37 -7.32 -9.96 5.90
CA GLY A 37 -8.63 -10.51 5.60
C GLY A 37 -8.72 -12.03 5.43
N LYS A 38 -7.83 -12.77 6.08
CA LYS A 38 -7.80 -14.21 5.95
C LYS A 38 -9.11 -14.80 6.42
N GLY A 39 -9.63 -14.29 7.55
CA GLY A 39 -10.89 -14.81 8.13
C GLY A 39 -12.05 -14.69 7.16
N ILE A 40 -12.23 -13.48 6.70
CA ILE A 40 -13.28 -13.19 5.77
C ILE A 40 -13.13 -13.86 4.43
N ALA A 41 -11.92 -13.84 3.89
CA ALA A 41 -11.60 -14.58 2.69
C ALA A 41 -11.99 -16.04 2.82
N ALA A 42 -11.60 -16.67 3.94
CA ALA A 42 -11.86 -18.08 4.15
C ALA A 42 -13.35 -18.28 4.32
N ALA A 43 -13.98 -17.40 5.11
CA ALA A 43 -15.39 -17.53 5.34
C ALA A 43 -16.16 -17.45 4.01
N SER A 44 -15.82 -16.45 3.19
CA SER A 44 -16.47 -16.29 1.88
C SER A 44 -16.32 -17.52 1.02
N LEU A 45 -15.09 -18.03 0.96
CA LEU A 45 -14.89 -19.21 0.17
C LEU A 45 -15.86 -20.29 0.69
N ALA A 46 -15.90 -20.49 2.00
CA ALA A 46 -16.76 -21.51 2.60
C ALA A 46 -18.22 -21.26 2.18
N ALA A 47 -18.62 -19.99 2.13
CA ALA A 47 -19.97 -19.64 1.80
C ALA A 47 -20.29 -20.10 0.38
N ILE A 48 -19.34 -19.94 -0.54
CA ILE A 48 -19.62 -20.41 -1.88
C ILE A 48 -19.80 -21.92 -1.89
N LEU A 49 -18.92 -22.62 -1.21
CA LEU A 49 -18.96 -24.07 -1.27
C LEU A 49 -20.24 -24.58 -0.65
N GLU A 50 -20.68 -23.96 0.46
CA GLU A 50 -21.91 -24.41 1.08
C GLU A 50 -23.01 -24.23 0.04
N ALA A 51 -22.99 -23.12 -0.68
CA ALA A 51 -24.00 -22.85 -1.69
C ALA A 51 -23.98 -23.82 -2.88
N ARG A 52 -23.00 -24.70 -2.95
CA ARG A 52 -22.94 -25.69 -4.03
C ARG A 52 -23.43 -27.00 -3.43
N GLY A 53 -23.98 -26.94 -2.22
CA GLY A 53 -24.47 -28.13 -1.54
C GLY A 53 -23.44 -28.96 -0.79
N LEU A 54 -22.23 -28.44 -0.59
CA LEU A 54 -21.19 -29.26 0.07
C LEU A 54 -21.27 -29.13 1.61
N ASN A 55 -20.95 -30.20 2.29
CA ASN A 55 -20.90 -30.14 3.71
C ASN A 55 -19.54 -29.49 4.12
N VAL A 56 -19.59 -28.32 4.68
CA VAL A 56 -18.34 -27.60 4.81
C VAL A 56 -18.04 -27.11 6.19
N THR A 57 -16.77 -27.07 6.55
CA THR A 57 -16.46 -26.33 7.77
C THR A 57 -15.13 -25.57 7.76
N ILE A 58 -14.91 -24.72 8.76
CA ILE A 58 -13.72 -23.90 8.88
C ILE A 58 -13.18 -23.97 10.29
N MET A 59 -11.87 -23.85 10.46
CA MET A 59 -11.34 -23.73 11.84
C MET A 59 -10.16 -22.80 11.84
N LYS A 60 -9.87 -22.24 13.02
CA LYS A 60 -8.79 -21.25 13.20
C LYS A 60 -7.72 -21.78 14.12
N LEU A 61 -6.48 -21.82 13.62
CA LEU A 61 -5.29 -22.10 14.44
C LEU A 61 -4.58 -20.80 14.80
N ASP A 62 -4.70 -20.36 16.06
CA ASP A 62 -4.04 -19.12 16.49
C ASP A 62 -2.69 -19.41 17.14
N PRO A 63 -1.64 -18.67 16.71
CA PRO A 63 -0.26 -18.88 17.17
C PRO A 63 -0.01 -18.31 18.56
N TYR A 64 -0.99 -17.67 19.15
CA TYR A 64 -0.74 -17.21 20.49
C TYR A 64 -0.66 -18.24 21.70
N ILE A 65 -0.16 -17.78 22.83
CA ILE A 65 0.23 -18.73 23.86
C ILE A 65 -0.86 -18.89 24.88
N ASN A 66 -1.75 -17.90 25.01
CA ASN A 66 -2.97 -18.03 25.82
C ASN A 66 -3.66 -19.32 25.50
N VAL A 67 -4.04 -20.07 26.55
CA VAL A 67 -4.64 -21.38 26.33
C VAL A 67 -5.96 -21.18 25.56
N ASP A 68 -6.62 -20.08 25.89
CA ASP A 68 -7.79 -19.62 25.12
C ASP A 68 -8.01 -18.16 25.35
N PRO A 69 -8.77 -17.53 24.47
CA PRO A 69 -8.96 -16.07 24.57
C PRO A 69 -9.74 -15.62 25.78
N GLY A 70 -10.17 -16.56 26.63
CA GLY A 70 -10.95 -16.25 27.85
C GLY A 70 -10.29 -15.20 28.75
N THR A 71 -8.95 -15.23 28.84
CA THR A 71 -8.18 -14.27 29.61
C THR A 71 -7.73 -13.07 28.77
N MET A 72 -8.19 -12.96 27.53
CA MET A 72 -7.79 -11.83 26.67
C MET A 72 -8.72 -10.62 26.75
N SER A 73 -8.12 -9.46 26.96
CA SER A 73 -8.80 -8.15 26.95
C SER A 73 -9.54 -7.89 25.61
N PRO A 74 -10.77 -7.35 25.65
CA PRO A 74 -11.40 -7.13 24.37
C PRO A 74 -10.65 -6.13 23.47
N ILE A 75 -9.74 -5.35 24.03
CA ILE A 75 -8.90 -4.43 23.24
C ILE A 75 -7.58 -5.09 22.80
N GLN A 76 -7.51 -6.42 22.88
CA GLN A 76 -6.29 -7.10 22.46
C GLN A 76 -6.50 -7.72 21.12
N HIS A 77 -7.30 -8.79 21.02
CA HIS A 77 -7.59 -9.33 19.65
C HIS A 77 -9.05 -9.20 19.31
N GLY A 78 -9.72 -8.28 20.03
CA GLY A 78 -11.13 -7.99 19.85
C GLY A 78 -12.05 -8.78 20.78
N GLU A 79 -13.34 -8.88 20.42
CA GLU A 79 -14.33 -9.59 21.23
C GLU A 79 -13.98 -11.07 21.43
N VAL A 80 -14.42 -11.61 22.55
CA VAL A 80 -14.29 -13.04 22.74
C VAL A 80 -15.57 -13.69 22.22
N PHE A 81 -15.48 -14.45 21.16
CA PHE A 81 -16.68 -15.02 20.61
C PHE A 81 -17.01 -16.27 21.41
N VAL A 82 -18.29 -16.55 21.58
CA VAL A 82 -18.75 -17.71 22.33
C VAL A 82 -19.60 -18.65 21.47
N THR A 83 -19.27 -19.93 21.46
CA THR A 83 -19.92 -20.87 20.61
C THR A 83 -21.01 -21.54 21.40
N GLU A 84 -21.91 -22.23 20.70
CA GLU A 84 -23.00 -22.95 21.30
C GLU A 84 -22.50 -23.74 22.50
N ASP A 85 -21.42 -24.48 22.33
CA ASP A 85 -20.99 -25.33 23.44
C ASP A 85 -20.26 -24.55 24.55
N GLY A 86 -20.21 -23.25 24.47
CA GLY A 86 -19.61 -22.50 25.55
C GLY A 86 -18.10 -22.33 25.50
N ALA A 87 -17.49 -22.60 24.35
CA ALA A 87 -16.09 -22.33 24.21
C ALA A 87 -15.86 -20.82 24.00
N GLU A 88 -14.79 -20.30 24.57
CA GLU A 88 -14.35 -18.93 24.29
C GLU A 88 -13.27 -18.95 23.21
N THR A 89 -13.51 -18.26 22.10
CA THR A 89 -12.70 -18.46 20.92
C THR A 89 -12.44 -17.10 20.23
N ASP A 90 -11.54 -17.10 19.24
CA ASP A 90 -11.23 -15.94 18.43
C ASP A 90 -12.44 -15.36 17.72
N LEU A 91 -12.44 -14.07 17.47
CA LEU A 91 -13.59 -13.54 16.80
C LEU A 91 -13.75 -14.14 15.35
N ASP A 92 -12.69 -14.69 14.76
CA ASP A 92 -12.86 -15.21 13.42
C ASP A 92 -14.03 -16.19 13.37
N LEU A 93 -14.34 -16.86 14.47
CA LEU A 93 -15.44 -17.82 14.44
C LEU A 93 -16.79 -17.15 14.26
N GLY A 94 -16.88 -15.88 14.66
CA GLY A 94 -18.03 -15.10 14.36
C GLY A 94 -18.20 -14.95 12.85
N HIS A 95 -17.12 -14.59 12.14
CA HIS A 95 -17.19 -14.48 10.68
C HIS A 95 -17.63 -15.78 10.10
N TYR A 96 -17.11 -16.88 10.65
CA TYR A 96 -17.38 -18.16 10.06
C TYR A 96 -18.88 -18.37 10.18
N GLU A 97 -19.41 -18.25 11.38
CA GLU A 97 -20.83 -18.47 11.61
C GLU A 97 -21.71 -17.50 10.85
N ARG A 98 -21.18 -16.37 10.44
CA ARG A 98 -22.01 -15.46 9.66
C ARG A 98 -21.89 -15.67 8.14
N PHE A 99 -21.17 -16.72 7.71
CA PHE A 99 -21.07 -17.00 6.31
C PHE A 99 -21.55 -18.41 5.94
N ILE A 100 -21.37 -19.36 6.85
CA ILE A 100 -21.95 -20.66 6.69
C ILE A 100 -22.86 -21.01 7.88
N ARG A 101 -23.70 -22.01 7.68
CA ARG A 101 -24.68 -22.42 8.69
C ARG A 101 -24.18 -23.53 9.61
N THR A 102 -23.07 -24.18 9.27
CA THR A 102 -22.42 -25.09 10.20
C THR A 102 -22.11 -24.39 11.50
N LYS A 103 -22.30 -25.08 12.63
CA LYS A 103 -22.08 -24.49 13.94
C LYS A 103 -20.64 -24.71 14.40
N MET A 104 -19.97 -23.67 14.84
CA MET A 104 -18.63 -23.85 15.41
C MET A 104 -18.73 -24.42 16.82
N SER A 105 -17.79 -25.26 17.19
CA SER A 105 -17.70 -25.67 18.58
C SER A 105 -16.21 -25.46 19.04
N ARG A 106 -15.81 -25.92 20.23
CA ARG A 106 -14.43 -25.73 20.64
C ARG A 106 -13.45 -26.43 19.67
N ARG A 107 -13.89 -27.35 18.84
CA ARG A 107 -12.90 -28.00 17.99
C ARG A 107 -12.50 -27.18 16.77
N ASN A 108 -13.16 -26.06 16.55
CA ASN A 108 -12.84 -25.18 15.44
C ASN A 108 -11.88 -24.02 15.79
N ASN A 109 -11.23 -24.11 16.94
CA ASN A 109 -10.32 -23.07 17.31
C ASN A 109 -9.38 -23.61 18.38
N PHE A 110 -8.08 -23.51 18.12
CA PHE A 110 -7.09 -23.76 19.18
C PHE A 110 -5.81 -23.00 19.02
N THR A 111 -5.15 -22.76 20.15
CA THR A 111 -3.96 -21.94 20.12
C THR A 111 -2.73 -22.78 20.31
N THR A 112 -1.58 -22.20 20.05
CA THR A 112 -0.31 -22.86 20.32
C THR A 112 -0.27 -23.16 21.80
N GLY A 113 -0.83 -22.22 22.59
CA GLY A 113 -0.86 -22.44 24.05
C GLY A 113 -1.58 -23.74 24.41
N ARG A 114 -2.72 -23.98 23.78
CA ARG A 114 -3.51 -25.15 24.04
C ARG A 114 -2.73 -26.37 23.63
N ILE A 115 -2.10 -26.37 22.45
CA ILE A 115 -1.22 -27.48 22.02
C ILE A 115 -0.09 -27.78 23.01
N TYR A 116 0.74 -26.79 23.38
CA TYR A 116 1.85 -27.07 24.34
C TYR A 116 1.29 -27.56 25.67
N SER A 117 0.23 -26.92 26.12
CA SER A 117 -0.44 -27.34 27.33
C SER A 117 -0.83 -28.85 27.36
N ASP A 118 -1.38 -29.36 26.27
CA ASP A 118 -1.76 -30.76 26.27
C ASP A 118 -0.53 -31.65 26.25
N VAL A 119 0.46 -31.28 25.43
CA VAL A 119 1.69 -32.05 25.35
C VAL A 119 2.44 -32.04 26.69
N LEU A 120 2.62 -30.85 27.29
CA LEU A 120 3.24 -30.79 28.62
C LEU A 120 2.61 -31.74 29.66
N ARG A 121 1.28 -31.71 29.76
CA ARG A 121 0.54 -32.52 30.71
C ARG A 121 0.80 -33.99 30.40
N LYS A 122 0.53 -34.40 29.17
CA LYS A 122 0.88 -35.79 28.78
C LYS A 122 2.33 -36.18 29.15
N GLU A 123 3.28 -35.27 28.98
CA GLU A 123 4.68 -35.56 29.28
C GLU A 123 5.02 -35.71 30.77
N ARG A 124 4.54 -34.76 31.62
CA ARG A 124 4.74 -34.80 33.08
C ARG A 124 4.08 -36.04 33.66
N ARG A 125 2.99 -36.46 33.06
CA ARG A 125 2.32 -37.67 33.47
C ARG A 125 2.85 -39.00 32.87
N GLY A 126 3.83 -38.96 31.97
CA GLY A 126 4.47 -40.20 31.53
C GLY A 126 3.90 -40.87 30.29
N ASP A 127 2.95 -40.24 29.61
CA ASP A 127 2.39 -40.90 28.43
C ASP A 127 3.35 -41.04 27.29
N TYR A 128 4.56 -40.47 27.39
CA TYR A 128 5.47 -40.56 26.24
C TYR A 128 6.55 -41.64 26.44
N LEU A 129 6.48 -42.28 27.61
CA LEU A 129 7.20 -43.52 27.87
C LEU A 129 8.65 -43.21 27.83
N GLY A 130 9.01 -42.14 28.51
CA GLY A 130 10.39 -41.70 28.53
C GLY A 130 11.02 -41.27 27.21
N ALA A 131 10.24 -40.92 26.21
CA ALA A 131 10.82 -40.42 24.96
C ALA A 131 11.24 -38.95 25.08
N THR A 132 12.18 -38.53 24.26
CA THR A 132 12.43 -37.10 24.18
C THR A 132 11.25 -36.53 23.39
N VAL A 133 10.56 -35.55 23.96
CA VAL A 133 9.38 -34.97 23.36
C VAL A 133 9.86 -33.77 22.56
N GLN A 134 9.54 -33.75 21.27
CA GLN A 134 10.15 -32.75 20.39
C GLN A 134 9.12 -31.96 19.62
N VAL A 135 9.50 -30.79 19.13
CA VAL A 135 8.61 -30.03 18.26
C VAL A 135 8.08 -30.96 17.14
N ILE A 136 8.98 -31.74 16.56
CA ILE A 136 8.62 -32.73 15.59
C ILE A 136 9.23 -34.02 16.06
N PRO A 137 8.41 -35.08 16.20
CA PRO A 137 7.00 -35.07 15.77
C PRO A 137 5.94 -34.76 16.84
N HIS A 138 6.29 -34.44 18.09
CA HIS A 138 5.22 -34.44 19.12
C HIS A 138 4.31 -33.26 19.07
N ILE A 139 4.84 -32.05 18.94
CA ILE A 139 3.98 -30.88 18.81
C ILE A 139 3.25 -30.90 17.45
N THR A 140 3.97 -31.24 16.39
CA THR A 140 3.32 -31.28 15.11
C THR A 140 2.24 -32.38 15.09
N ASN A 141 2.50 -33.53 15.74
CA ASN A 141 1.45 -34.59 15.85
C ASN A 141 0.21 -34.09 16.58
N ALA A 142 0.42 -33.40 17.69
CA ALA A 142 -0.72 -32.89 18.41
C ALA A 142 -1.50 -31.91 17.52
N ILE A 143 -0.85 -31.20 16.61
CA ILE A 143 -1.56 -30.21 15.83
C ILE A 143 -2.37 -30.96 14.78
N LYS A 144 -1.74 -31.96 14.19
CA LYS A 144 -2.39 -32.75 13.19
C LYS A 144 -3.67 -33.40 13.78
N GLU A 145 -3.60 -33.95 14.98
CA GLU A 145 -4.78 -34.61 15.55
C GLU A 145 -5.91 -33.64 15.68
N ARG A 146 -5.64 -32.44 16.17
CA ARG A 146 -6.69 -31.47 16.30
C ARG A 146 -7.23 -31.00 14.95
N VAL A 147 -6.41 -30.97 13.91
CA VAL A 147 -6.94 -30.56 12.65
C VAL A 147 -7.90 -31.63 12.16
N LEU A 148 -7.52 -32.91 12.29
CA LEU A 148 -8.40 -34.04 12.01
C LEU A 148 -9.67 -34.03 12.85
N GLU A 149 -9.59 -33.78 14.14
CA GLU A 149 -10.82 -33.71 14.93
C GLU A 149 -11.78 -32.63 14.43
N GLY A 150 -11.30 -31.45 14.11
CA GLY A 150 -12.20 -30.37 13.67
C GLY A 150 -12.73 -30.69 12.27
N GLY A 151 -12.09 -31.60 11.56
CA GLY A 151 -12.52 -31.83 10.20
C GLY A 151 -13.51 -32.95 10.03
N GLU A 152 -13.48 -33.92 10.94
CA GLU A 152 -14.21 -35.18 10.77
C GLU A 152 -15.67 -35.01 10.37
N GLY A 153 -16.05 -35.83 9.39
CA GLY A 153 -17.41 -35.82 8.88
C GLY A 153 -17.80 -34.52 8.17
N HIS A 154 -16.88 -33.97 7.38
CA HIS A 154 -17.18 -32.79 6.60
C HIS A 154 -16.62 -33.05 5.20
N ASP A 155 -17.15 -32.43 4.15
CA ASP A 155 -16.58 -32.69 2.82
C ASP A 155 -15.35 -31.85 2.60
N VAL A 156 -15.47 -30.58 2.92
CA VAL A 156 -14.39 -29.68 2.74
C VAL A 156 -14.14 -28.94 4.04
N VAL A 157 -12.88 -28.94 4.46
CA VAL A 157 -12.49 -28.26 5.66
C VAL A 157 -11.49 -27.14 5.39
N LEU A 158 -11.85 -25.92 5.70
CA LEU A 158 -10.92 -24.80 5.59
C LEU A 158 -10.18 -24.64 6.91
N VAL A 159 -8.89 -24.76 6.83
CA VAL A 159 -8.10 -24.62 8.00
C VAL A 159 -7.35 -23.32 7.94
N GLU A 160 -7.74 -22.34 8.74
CA GLU A 160 -7.07 -21.02 8.61
C GLU A 160 -5.92 -20.92 9.56
N ILE A 161 -4.72 -20.76 9.01
CA ILE A 161 -3.52 -20.64 9.83
C ILE A 161 -3.26 -19.22 10.23
N GLY A 162 -3.34 -18.94 11.51
CA GLY A 162 -3.01 -17.60 11.99
C GLY A 162 -1.54 -17.21 11.85
N GLY A 163 -1.24 -15.91 11.97
CA GLY A 163 0.15 -15.38 11.82
C GLY A 163 0.52 -15.16 10.33
N THR A 164 1.77 -14.78 10.07
CA THR A 164 2.20 -14.52 8.73
C THR A 164 3.36 -15.43 8.36
N VAL A 165 3.25 -16.07 7.20
CA VAL A 165 4.34 -16.88 6.65
C VAL A 165 5.64 -16.08 6.62
N GLY A 166 6.68 -16.64 7.21
CA GLY A 166 7.92 -15.84 7.42
C GLY A 166 8.29 -15.67 8.89
N ASP A 167 7.30 -15.74 9.76
CA ASP A 167 7.52 -15.54 11.18
C ASP A 167 7.71 -16.85 11.92
N ILE A 168 8.32 -16.74 13.07
CA ILE A 168 8.63 -17.85 13.94
C ILE A 168 7.35 -18.47 14.49
N GLU A 169 6.39 -17.65 14.85
CA GLU A 169 5.29 -18.19 15.66
C GLU A 169 4.45 -19.24 14.99
N SER A 170 4.39 -19.29 13.68
CA SER A 170 3.39 -20.20 13.13
C SER A 170 4.06 -21.37 12.43
N LEU A 171 5.38 -21.48 12.60
CA LEU A 171 6.09 -22.52 11.89
C LEU A 171 5.62 -23.92 12.23
N PRO A 172 5.35 -24.22 13.53
CA PRO A 172 4.84 -25.57 13.79
C PRO A 172 3.47 -25.84 13.13
N PHE A 173 2.59 -24.84 13.06
CA PHE A 173 1.37 -25.01 12.27
C PHE A 173 1.77 -25.34 10.83
N LEU A 174 2.71 -24.59 10.26
CA LEU A 174 3.05 -24.81 8.87
C LEU A 174 3.67 -26.20 8.61
N GLU A 175 4.53 -26.64 9.51
CA GLU A 175 5.14 -27.97 9.33
C GLU A 175 4.12 -29.12 9.50
N ALA A 176 3.17 -28.96 10.43
CA ALA A 176 2.14 -29.96 10.69
C ALA A 176 1.30 -30.13 9.40
N ILE A 177 0.78 -29.01 8.86
CA ILE A 177 0.01 -29.11 7.60
C ILE A 177 0.83 -29.62 6.37
N ARG A 178 2.10 -29.23 6.28
CA ARG A 178 2.91 -29.78 5.24
C ARG A 178 2.87 -31.31 5.34
N GLN A 179 3.06 -31.83 6.55
CA GLN A 179 3.01 -33.28 6.77
C GLN A 179 1.67 -33.88 6.42
N MET A 180 0.60 -33.17 6.71
CA MET A 180 -0.69 -33.70 6.51
C MET A 180 -0.91 -33.79 5.05
N ALA A 181 -0.50 -32.76 4.33
CA ALA A 181 -0.71 -32.77 2.88
C ALA A 181 -0.04 -33.97 2.22
N VAL A 182 1.12 -34.34 2.72
CA VAL A 182 1.86 -35.43 2.15
C VAL A 182 1.19 -36.75 2.55
N GLU A 183 0.81 -36.90 3.83
CA GLU A 183 0.07 -38.09 4.25
C GLU A 183 -1.27 -38.29 3.47
N ILE A 184 -2.16 -37.32 3.55
CA ILE A 184 -3.45 -37.38 2.95
C ILE A 184 -3.41 -37.37 1.43
N GLY A 185 -2.42 -36.73 0.87
CA GLY A 185 -2.33 -36.74 -0.56
C GLY A 185 -2.85 -35.48 -1.19
N ARG A 186 -2.25 -35.16 -2.32
CA ARG A 186 -2.43 -33.97 -3.10
C ARG A 186 -3.80 -33.87 -3.74
N GLU A 187 -4.53 -34.98 -3.76
CA GLU A 187 -5.84 -35.06 -4.41
C GLU A 187 -6.90 -34.66 -3.41
N HIS A 188 -6.51 -34.46 -2.15
CA HIS A 188 -7.45 -34.03 -1.10
C HIS A 188 -6.98 -32.89 -0.27
N THR A 189 -5.89 -32.25 -0.70
CA THR A 189 -5.45 -31.00 -0.04
C THR A 189 -5.10 -29.84 -1.01
N LEU A 190 -5.38 -28.62 -0.59
CA LEU A 190 -5.05 -27.44 -1.37
C LEU A 190 -4.48 -26.45 -0.42
N PHE A 191 -3.53 -25.67 -0.89
CA PHE A 191 -3.00 -24.54 -0.11
C PHE A 191 -3.41 -23.24 -0.77
N MET A 192 -4.16 -22.41 -0.06
CA MET A 192 -4.55 -21.08 -0.54
C MET A 192 -3.77 -20.02 0.25
N HIS A 193 -2.99 -19.22 -0.45
CA HIS A 193 -2.12 -18.30 0.23
C HIS A 193 -2.49 -16.92 -0.13
N LEU A 194 -2.87 -16.08 0.84
CA LEU A 194 -3.14 -14.67 0.60
C LEU A 194 -1.86 -13.81 0.65
N THR A 195 -1.80 -12.81 -0.24
CA THR A 195 -0.71 -11.85 -0.22
C THR A 195 -1.21 -10.47 -0.50
N LEU A 196 -0.33 -9.49 -0.25
CA LEU A 196 -0.61 -8.09 -0.53
C LEU A 196 0.12 -7.67 -1.83
N VAL A 197 -0.57 -6.91 -2.65
CA VAL A 197 -0.07 -6.44 -3.94
C VAL A 197 -0.29 -4.94 -3.86
N PRO A 198 0.68 -4.20 -3.28
CA PRO A 198 0.46 -2.78 -3.04
C PRO A 198 0.54 -1.87 -4.27
N TYR A 199 -0.20 -0.77 -4.24
CA TYR A 199 -0.17 0.25 -5.28
C TYR A 199 0.94 1.27 -5.00
N MET A 200 1.84 1.49 -5.95
CA MET A 200 2.85 2.57 -5.82
C MET A 200 2.40 3.80 -6.60
N ALA A 201 2.21 4.94 -5.94
CA ALA A 201 1.80 6.15 -6.67
C ALA A 201 2.90 6.57 -7.68
N ALA A 202 4.16 6.45 -7.30
CA ALA A 202 5.25 6.86 -8.19
C ALA A 202 5.06 6.28 -9.59
N SER A 203 4.74 4.99 -9.66
CA SER A 203 4.69 4.36 -10.96
C SER A 203 3.27 4.09 -11.50
N GLY A 204 2.23 4.25 -10.66
CA GLY A 204 0.87 3.90 -11.04
C GLY A 204 0.65 2.42 -11.27
N GLU A 205 1.42 1.59 -10.57
CA GLU A 205 1.38 0.14 -10.73
C GLU A 205 1.09 -0.57 -9.41
N VAL A 206 0.39 -1.70 -9.44
CA VAL A 206 0.42 -2.56 -8.28
C VAL A 206 1.61 -3.50 -8.46
N LYS A 207 2.14 -3.95 -7.35
CA LYS A 207 3.44 -4.58 -7.39
C LYS A 207 3.39 -6.01 -6.90
N THR A 208 3.90 -6.91 -7.74
CA THR A 208 3.87 -8.34 -7.43
C THR A 208 5.08 -8.88 -6.66
N LYS A 209 6.06 -8.01 -6.43
CA LYS A 209 7.35 -8.43 -5.83
C LYS A 209 7.15 -9.06 -4.46
N PRO A 210 6.32 -8.41 -3.63
CA PRO A 210 6.09 -9.03 -2.33
C PRO A 210 5.48 -10.44 -2.41
N THR A 211 4.52 -10.66 -3.35
CA THR A 211 3.95 -11.98 -3.56
C THR A 211 5.04 -12.96 -3.98
N GLN A 212 5.87 -12.56 -4.95
CA GLN A 212 6.93 -13.44 -5.37
C GLN A 212 7.81 -13.78 -4.14
N HIS A 213 8.12 -12.79 -3.31
CA HIS A 213 8.98 -13.11 -2.14
C HIS A 213 8.30 -13.99 -1.09
N SER A 214 7.02 -13.75 -0.85
CA SER A 214 6.30 -14.52 0.11
C SER A 214 6.12 -15.95 -0.37
N VAL A 215 5.85 -16.17 -1.68
CA VAL A 215 5.71 -17.56 -2.10
C VAL A 215 7.03 -18.32 -1.86
N LYS A 216 8.17 -17.67 -2.16
CA LYS A 216 9.51 -18.22 -1.80
C LYS A 216 9.64 -18.61 -0.29
N GLU A 217 9.21 -17.74 0.65
CA GLU A 217 9.25 -18.12 2.08
C GLU A 217 8.40 -19.37 2.32
N LEU A 218 7.21 -19.38 1.74
CA LEU A 218 6.33 -20.49 1.93
C LEU A 218 6.97 -21.75 1.38
N LEU A 219 7.53 -21.66 0.17
CA LEU A 219 8.18 -22.85 -0.42
C LEU A 219 9.33 -23.30 0.45
N SER A 220 10.08 -22.35 1.02
CA SER A 220 11.24 -22.76 1.82
C SER A 220 10.84 -23.54 3.10
N ILE A 221 9.58 -23.48 3.47
CA ILE A 221 9.03 -24.15 4.65
C ILE A 221 8.46 -25.49 4.14
N GLY A 222 8.37 -25.63 2.82
CA GLY A 222 8.10 -26.92 2.19
C GLY A 222 6.73 -26.98 1.60
N ILE A 223 6.13 -25.81 1.44
CA ILE A 223 4.78 -25.72 0.94
C ILE A 223 4.71 -24.96 -0.37
N GLN A 224 4.27 -25.65 -1.42
CA GLN A 224 3.99 -25.00 -2.68
C GLN A 224 2.54 -24.54 -2.67
N PRO A 225 2.30 -23.22 -2.67
CA PRO A 225 0.88 -22.86 -2.73
C PRO A 225 0.19 -23.34 -4.04
N ASP A 226 -1.11 -23.58 -3.97
CA ASP A 226 -1.90 -24.07 -5.13
C ASP A 226 -2.74 -22.93 -5.73
N ILE A 227 -3.12 -21.96 -4.87
CA ILE A 227 -3.98 -20.85 -5.21
C ILE A 227 -3.44 -19.59 -4.50
N LEU A 228 -3.33 -18.50 -5.26
CA LEU A 228 -2.88 -17.27 -4.72
C LEU A 228 -3.97 -16.23 -4.67
N ILE A 229 -4.26 -15.73 -3.49
CA ILE A 229 -5.30 -14.73 -3.38
C ILE A 229 -4.69 -13.39 -3.13
N CYS A 230 -4.88 -12.49 -4.11
CA CYS A 230 -4.16 -11.21 -4.18
C CYS A 230 -4.94 -10.04 -3.64
N ARG A 231 -4.58 -9.59 -2.44
CA ARG A 231 -5.29 -8.47 -1.84
C ARG A 231 -4.65 -7.19 -2.32
N SER A 232 -5.47 -6.19 -2.56
CA SER A 232 -5.03 -4.89 -2.97
C SER A 232 -6.20 -3.94 -2.78
N ASP A 233 -5.95 -2.64 -2.98
CA ASP A 233 -7.00 -1.66 -2.76
C ASP A 233 -7.75 -1.40 -4.05
N ARG A 234 -7.48 -2.22 -5.07
CA ARG A 234 -8.05 -2.14 -6.44
C ARG A 234 -7.83 -3.52 -7.11
N ALA A 235 -8.46 -3.79 -8.25
CA ALA A 235 -8.28 -5.12 -8.81
C ALA A 235 -6.86 -5.31 -9.32
N VAL A 236 -6.41 -6.56 -9.24
CA VAL A 236 -5.12 -6.93 -9.78
C VAL A 236 -5.35 -7.38 -11.23
N PRO A 237 -4.95 -6.54 -12.20
CA PRO A 237 -5.06 -6.69 -13.67
C PRO A 237 -4.42 -7.98 -14.18
N ALA A 238 -4.78 -8.41 -15.38
CA ALA A 238 -4.34 -9.73 -15.86
C ALA A 238 -2.84 -9.82 -16.03
N ASN A 239 -2.22 -8.74 -16.45
CA ASN A 239 -0.75 -8.75 -16.51
C ASN A 239 -0.02 -9.17 -15.23
N GLU A 240 -0.32 -8.49 -14.14
CA GLU A 240 0.24 -8.80 -12.84
C GLU A 240 -0.17 -10.22 -12.37
N ARG A 241 -1.43 -10.58 -12.57
CA ARG A 241 -1.81 -11.96 -12.26
C ARG A 241 -0.90 -12.94 -13.06
N ALA A 242 -0.71 -12.69 -14.34
CA ALA A 242 0.17 -13.58 -15.16
C ALA A 242 1.64 -13.67 -14.68
N LYS A 243 2.18 -12.55 -14.20
CA LYS A 243 3.51 -12.51 -13.66
C LYS A 243 3.62 -13.26 -12.32
N ILE A 244 2.63 -13.10 -11.45
CA ILE A 244 2.58 -13.90 -10.23
C ILE A 244 2.61 -15.37 -10.63
N ALA A 245 1.77 -15.74 -11.61
CA ALA A 245 1.73 -17.17 -12.02
C ALA A 245 3.09 -17.71 -12.54
N LEU A 246 3.75 -16.90 -13.35
CA LEU A 246 5.04 -17.29 -13.91
C LEU A 246 6.08 -17.50 -12.80
N PHE A 247 6.10 -16.61 -11.81
CA PHE A 247 7.06 -16.75 -10.73
C PHE A 247 6.70 -17.72 -9.60
N CYS A 248 5.42 -18.00 -9.42
CA CYS A 248 5.07 -18.84 -8.31
C CYS A 248 4.69 -20.29 -8.63
N ASN A 249 4.90 -20.77 -9.87
CA ASN A 249 4.45 -22.12 -10.23
C ASN A 249 2.96 -22.34 -10.04
N VAL A 250 2.09 -21.34 -10.19
CA VAL A 250 0.65 -21.65 -10.16
C VAL A 250 0.04 -21.28 -11.50
N PRO A 251 -0.93 -22.05 -12.00
CA PRO A 251 -1.46 -21.60 -13.32
C PRO A 251 -2.22 -20.27 -13.15
N GLU A 252 -2.35 -19.46 -14.21
CA GLU A 252 -2.99 -18.14 -14.05
C GLU A 252 -4.39 -18.23 -13.44
N LYS A 253 -5.17 -19.20 -13.87
CA LYS A 253 -6.55 -19.33 -13.37
C LYS A 253 -6.63 -19.52 -11.85
N ALA A 254 -5.52 -19.94 -11.23
CA ALA A 254 -5.50 -20.03 -9.76
C ALA A 254 -4.88 -18.80 -9.04
N VAL A 255 -4.66 -17.71 -9.79
CA VAL A 255 -4.27 -16.42 -9.21
C VAL A 255 -5.47 -15.53 -9.24
N ILE A 256 -6.08 -15.33 -8.07
CA ILE A 256 -7.33 -14.66 -7.88
C ILE A 256 -7.13 -13.31 -7.30
N SER A 257 -8.00 -12.39 -7.65
CA SER A 257 -7.90 -10.99 -7.21
C SER A 257 -8.95 -10.71 -6.15
N LEU A 258 -8.56 -10.13 -5.04
CA LEU A 258 -9.56 -9.81 -4.05
C LEU A 258 -9.31 -8.38 -3.56
N LYS A 259 -9.87 -7.40 -4.29
CA LYS A 259 -9.74 -6.00 -3.96
C LYS A 259 -10.50 -5.62 -2.67
N ASP A 260 -10.13 -4.50 -2.07
CA ASP A 260 -10.90 -3.96 -0.94
C ASP A 260 -12.32 -3.77 -1.47
N VAL A 261 -13.34 -4.30 -0.82
CA VAL A 261 -14.68 -4.02 -1.33
C VAL A 261 -15.42 -3.20 -0.33
N ASP A 262 -16.57 -2.66 -0.76
CA ASP A 262 -17.36 -1.81 0.11
C ASP A 262 -18.33 -2.67 0.94
N SER A 263 -18.34 -3.98 0.72
CA SER A 263 -19.22 -4.84 1.48
C SER A 263 -18.83 -6.28 1.43
N ILE A 264 -18.51 -6.84 2.59
CA ILE A 264 -18.02 -8.19 2.60
C ILE A 264 -19.02 -9.16 1.99
N TYR A 265 -20.27 -8.77 1.89
CA TYR A 265 -21.28 -9.67 1.42
C TYR A 265 -21.10 -9.94 -0.07
N LYS A 266 -20.38 -9.04 -0.76
CA LYS A 266 -20.05 -9.23 -2.17
C LYS A 266 -18.87 -10.16 -2.42
N ILE A 267 -18.18 -10.60 -1.36
CA ILE A 267 -16.94 -11.38 -1.55
C ILE A 267 -17.21 -12.77 -2.08
N PRO A 268 -18.22 -13.48 -1.56
CA PRO A 268 -18.55 -14.81 -2.20
C PRO A 268 -18.75 -14.66 -3.70
N GLY A 269 -19.58 -13.70 -4.10
CA GLY A 269 -19.77 -13.42 -5.53
C GLY A 269 -18.52 -13.09 -6.34
N LEU A 270 -17.69 -12.19 -5.80
CA LEU A 270 -16.46 -11.77 -6.46
C LEU A 270 -15.49 -12.96 -6.68
N LEU A 271 -15.40 -13.84 -5.70
CA LEU A 271 -14.57 -15.04 -5.84
C LEU A 271 -15.15 -16.03 -6.87
N LYS A 272 -16.47 -16.23 -6.83
CA LYS A 272 -17.10 -17.19 -7.74
C LYS A 272 -16.99 -16.72 -9.20
N SER A 273 -17.11 -15.42 -9.42
CA SER A 273 -16.96 -14.92 -10.76
C SER A 273 -15.57 -15.12 -11.31
N GLN A 274 -14.60 -15.50 -10.47
CA GLN A 274 -13.26 -15.73 -11.04
C GLN A 274 -12.94 -17.19 -11.06
N GLY A 275 -13.91 -18.04 -10.73
CA GLY A 275 -13.78 -19.50 -10.89
C GLY A 275 -13.14 -20.28 -9.76
N LEU A 276 -12.79 -19.58 -8.69
CA LEU A 276 -12.16 -20.18 -7.53
C LEU A 276 -12.81 -21.48 -7.08
N ASP A 277 -14.11 -21.45 -6.81
CA ASP A 277 -14.80 -22.68 -6.42
C ASP A 277 -14.73 -23.79 -7.48
N ASP A 278 -14.81 -23.44 -8.77
CA ASP A 278 -14.66 -24.48 -9.83
C ASP A 278 -13.30 -25.16 -9.72
N TYR A 279 -12.27 -24.33 -9.49
CA TYR A 279 -10.91 -24.82 -9.46
C TYR A 279 -10.75 -25.87 -8.33
N ILE A 280 -11.27 -25.50 -7.17
CA ILE A 280 -11.29 -26.34 -6.01
C ILE A 280 -12.10 -27.63 -6.26
N CYS A 281 -13.35 -27.49 -6.68
CA CYS A 281 -14.15 -28.71 -7.05
C CYS A 281 -13.44 -29.61 -8.06
N LYS A 282 -12.71 -29.03 -8.98
CA LYS A 282 -11.98 -29.83 -9.95
C LYS A 282 -10.84 -30.59 -9.24
N ARG A 283 -9.98 -29.87 -8.53
CA ARG A 283 -8.87 -30.48 -7.83
C ARG A 283 -9.33 -31.54 -6.82
N PHE A 284 -10.46 -31.33 -6.15
CA PHE A 284 -10.92 -32.32 -5.17
C PHE A 284 -11.86 -33.33 -5.79
N SER A 285 -12.03 -33.26 -7.11
CA SER A 285 -12.92 -34.18 -7.89
C SER A 285 -14.36 -34.30 -7.40
N LEU A 286 -15.04 -33.16 -7.26
CA LEU A 286 -16.42 -33.11 -6.76
C LEU A 286 -17.36 -32.64 -7.88
N ASN A 287 -18.50 -33.32 -8.02
CA ASN A 287 -19.55 -32.82 -8.92
C ASN A 287 -20.52 -32.20 -8.02
N ALA A 288 -20.77 -30.94 -8.24
CA ALA A 288 -21.61 -30.25 -7.31
C ALA A 288 -22.23 -29.27 -8.25
N PRO A 289 -23.49 -28.98 -8.04
CA PRO A 289 -24.13 -27.98 -8.87
C PRO A 289 -23.45 -26.61 -8.68
N GLU A 290 -23.54 -25.74 -9.66
CA GLU A 290 -23.15 -24.37 -9.53
C GLU A 290 -23.69 -23.71 -8.25
N ALA A 291 -22.95 -22.76 -7.71
CA ALA A 291 -23.29 -22.17 -6.43
C ALA A 291 -24.46 -21.24 -6.55
N ASN A 292 -25.39 -21.37 -5.65
CA ASN A 292 -26.52 -20.51 -5.67
C ASN A 292 -26.37 -19.38 -4.65
N LEU A 293 -25.98 -18.20 -5.13
CA LEU A 293 -25.72 -17.10 -4.20
C LEU A 293 -26.92 -16.17 -3.98
N SER A 294 -28.10 -16.66 -4.31
CA SER A 294 -29.29 -15.79 -4.20
C SER A 294 -29.48 -15.12 -2.83
N GLU A 295 -29.26 -15.84 -1.74
CA GLU A 295 -29.40 -15.19 -0.43
C GLU A 295 -28.40 -14.04 -0.28
N TRP A 296 -27.21 -14.19 -0.87
CA TRP A 296 -26.19 -13.13 -0.79
C TRP A 296 -26.57 -11.99 -1.66
N GLU A 297 -27.12 -12.30 -2.82
CA GLU A 297 -27.59 -11.28 -3.74
C GLU A 297 -28.68 -10.42 -3.05
N GLN A 298 -29.62 -11.10 -2.38
CA GLN A 298 -30.63 -10.44 -1.58
C GLN A 298 -29.99 -9.56 -0.51
N VAL A 299 -29.02 -10.10 0.24
CA VAL A 299 -28.36 -9.29 1.24
C VAL A 299 -27.68 -8.04 0.65
N ILE A 300 -27.04 -8.20 -0.52
CA ILE A 300 -26.34 -7.05 -1.13
C ILE A 300 -27.31 -5.98 -1.53
N PHE A 301 -28.39 -6.43 -2.18
CA PHE A 301 -29.48 -5.57 -2.60
C PHE A 301 -30.10 -4.76 -1.41
N GLU A 302 -30.41 -5.45 -0.31
CA GLU A 302 -30.91 -4.75 0.91
C GLU A 302 -29.94 -3.73 1.38
N GLU A 303 -28.69 -4.12 1.58
CA GLU A 303 -27.68 -3.16 2.02
C GLU A 303 -27.53 -2.00 1.04
N ALA A 304 -27.72 -2.25 -0.26
CA ALA A 304 -27.48 -1.17 -1.23
C ALA A 304 -28.64 -0.20 -1.30
N ASN A 305 -29.82 -0.61 -0.84
CA ASN A 305 -31.00 0.24 -0.99
C ASN A 305 -31.78 0.56 0.29
N PRO A 306 -31.13 1.32 1.17
CA PRO A 306 -31.84 1.60 2.37
C PRO A 306 -32.90 2.62 2.01
N VAL A 307 -34.03 2.65 2.74
CA VAL A 307 -35.00 3.76 2.55
C VAL A 307 -34.92 4.85 3.63
N SER A 308 -34.52 4.52 4.85
CA SER A 308 -34.39 5.55 5.92
C SER A 308 -33.00 5.51 6.49
N GLU A 309 -32.71 6.44 7.36
CA GLU A 309 -31.45 6.38 8.03
C GLU A 309 -31.67 6.56 9.55
N VAL A 310 -30.71 6.11 10.36
CA VAL A 310 -30.73 6.32 11.82
C VAL A 310 -29.30 6.54 12.35
N THR A 311 -29.18 7.20 13.48
CA THR A 311 -27.90 7.18 14.18
C THR A 311 -28.11 6.40 15.48
N ILE A 312 -27.32 5.35 15.70
CA ILE A 312 -27.40 4.58 16.94
C ILE A 312 -26.11 4.70 17.69
N GLY A 313 -26.27 5.01 18.98
CA GLY A 313 -25.12 5.20 19.85
C GLY A 313 -24.78 3.91 20.58
N MET A 314 -23.50 3.56 20.49
CA MET A 314 -23.01 2.42 21.21
C MET A 314 -22.16 3.02 22.34
N VAL A 315 -22.61 2.78 23.57
CA VAL A 315 -21.95 3.41 24.72
C VAL A 315 -21.29 2.38 25.62
N GLY A 316 -19.95 2.42 25.65
CA GLY A 316 -19.22 1.43 26.41
C GLY A 316 -17.75 1.78 26.55
N LYS A 317 -17.00 0.84 27.14
CA LYS A 317 -15.63 1.12 27.59
C LYS A 317 -14.53 0.73 26.66
N TYR A 318 -14.85 0.08 25.55
CA TYR A 318 -13.80 -0.43 24.68
C TYR A 318 -13.76 0.20 23.30
N ILE A 319 -14.47 1.30 23.15
CA ILE A 319 -14.54 1.90 21.82
C ILE A 319 -13.18 2.24 21.14
N GLU A 320 -12.07 2.22 21.89
CA GLU A 320 -10.76 2.51 21.26
C GLU A 320 -10.41 1.44 20.24
N LEU A 321 -10.86 0.20 20.46
CA LEU A 321 -10.74 -0.84 19.45
C LEU A 321 -12.13 -1.41 19.15
N PRO A 322 -12.74 -0.97 18.04
CA PRO A 322 -14.11 -1.34 17.64
C PRO A 322 -14.33 -2.86 17.51
N ASP A 323 -13.31 -3.61 17.12
CA ASP A 323 -13.46 -5.06 17.11
C ASP A 323 -13.80 -5.64 18.47
N ALA A 324 -13.71 -4.83 19.52
CA ALA A 324 -14.08 -5.30 20.81
C ALA A 324 -15.57 -5.71 20.76
N TYR A 325 -16.31 -5.10 19.82
CA TYR A 325 -17.75 -5.22 19.69
C TYR A 325 -18.15 -5.78 18.31
N LYS A 326 -17.23 -6.53 17.72
CA LYS A 326 -17.37 -6.95 16.33
C LYS A 326 -18.75 -7.54 16.02
N SER A 327 -19.23 -8.51 16.80
CA SER A 327 -20.54 -9.13 16.53
C SER A 327 -21.75 -8.21 16.80
N VAL A 328 -21.57 -7.23 17.67
CA VAL A 328 -22.65 -6.31 17.96
C VAL A 328 -22.79 -5.35 16.77
N ILE A 329 -21.68 -4.75 16.36
CA ILE A 329 -21.66 -3.93 15.18
C ILE A 329 -22.35 -4.62 14.00
N GLU A 330 -22.03 -5.89 13.78
CA GLU A 330 -22.63 -6.61 12.67
C GLU A 330 -24.11 -6.86 12.87
N ALA A 331 -24.49 -7.28 14.06
CA ALA A 331 -25.92 -7.52 14.35
C ALA A 331 -26.79 -6.28 14.18
N LEU A 332 -26.20 -5.11 14.33
CA LEU A 332 -26.91 -3.88 14.06
C LEU A 332 -27.07 -3.74 12.56
N LYS A 333 -25.98 -3.90 11.81
CA LYS A 333 -26.03 -3.86 10.37
C LYS A 333 -27.08 -4.87 9.85
N HIS A 334 -27.18 -6.05 10.44
CA HIS A 334 -28.23 -6.97 10.04
C HIS A 334 -29.60 -6.47 10.44
N GLY A 335 -29.67 -5.68 11.50
CA GLY A 335 -30.93 -5.06 11.86
C GLY A 335 -31.30 -4.09 10.76
N GLY A 336 -30.30 -3.34 10.28
CA GLY A 336 -30.46 -2.48 9.12
C GLY A 336 -31.11 -3.22 7.93
N LEU A 337 -30.47 -4.27 7.42
CA LEU A 337 -30.99 -5.04 6.31
C LEU A 337 -32.47 -5.43 6.42
N LYS A 338 -32.86 -5.92 7.59
CA LYS A 338 -34.20 -6.48 7.75
C LYS A 338 -35.35 -5.42 7.73
N ASN A 339 -35.00 -4.16 7.95
CA ASN A 339 -35.87 -2.98 7.90
C ASN A 339 -35.47 -2.03 6.75
N ARG A 340 -34.63 -2.50 5.85
CA ARG A 340 -34.09 -1.62 4.84
C ARG A 340 -33.69 -0.26 5.42
N VAL A 341 -33.01 -0.30 6.57
CA VAL A 341 -32.57 0.92 7.23
C VAL A 341 -31.09 0.90 7.33
N SER A 342 -30.50 1.97 6.88
CA SER A 342 -29.11 2.19 7.06
C SER A 342 -28.82 2.69 8.52
N VAL A 343 -27.97 1.98 9.26
CA VAL A 343 -27.61 2.39 10.62
C VAL A 343 -26.23 3.03 10.76
N ASN A 344 -26.17 4.29 11.18
CA ASN A 344 -24.88 4.88 11.57
C ASN A 344 -24.55 4.56 13.00
N ILE A 345 -23.44 3.90 13.22
CA ILE A 345 -23.13 3.57 14.57
C ILE A 345 -22.14 4.61 15.06
N LYS A 346 -22.54 5.34 16.09
CA LYS A 346 -21.71 6.35 16.72
C LYS A 346 -21.18 5.65 17.96
N LEU A 347 -19.90 5.28 17.93
CA LEU A 347 -19.23 4.74 19.11
C LEU A 347 -18.97 5.82 20.19
N ILE A 348 -19.59 5.65 21.36
CA ILE A 348 -19.41 6.61 22.45
C ILE A 348 -18.84 6.03 23.75
N ASP A 349 -17.68 6.58 24.10
CA ASP A 349 -16.98 6.30 25.37
C ASP A 349 -17.83 6.63 26.60
N SER A 350 -18.20 5.63 27.38
CA SER A 350 -19.11 5.90 28.49
C SER A 350 -18.38 6.56 29.66
N GLN A 351 -17.06 6.62 29.58
CA GLN A 351 -16.28 7.42 30.53
C GLN A 351 -16.55 8.89 30.29
N ASP A 352 -16.94 9.24 29.08
CA ASP A 352 -17.21 10.62 28.75
C ASP A 352 -18.60 11.09 29.26
N VAL A 353 -19.53 10.16 29.46
CA VAL A 353 -20.80 10.49 30.13
C VAL A 353 -20.48 10.92 31.60
N GLU A 354 -19.44 10.31 32.16
CA GLU A 354 -18.94 10.65 33.50
C GLU A 354 -18.37 12.10 33.53
N THR A 355 -17.30 12.39 32.80
CA THR A 355 -16.79 13.76 32.62
C THR A 355 -17.80 14.78 32.05
N ARG A 356 -18.11 14.64 30.76
CA ARG A 356 -18.83 15.67 30.00
C ARG A 356 -20.37 15.62 30.07
N GLY A 357 -20.94 14.60 30.71
CA GLY A 357 -22.40 14.57 30.93
C GLY A 357 -23.28 14.15 29.76
N VAL A 358 -24.58 14.02 30.02
CA VAL A 358 -25.61 13.56 29.06
C VAL A 358 -25.70 14.30 27.70
N GLU A 359 -24.99 15.41 27.58
CA GLU A 359 -25.00 16.18 26.36
C GLU A 359 -24.55 15.30 25.17
N ILE A 360 -23.47 14.54 25.37
CA ILE A 360 -22.86 13.69 24.32
C ILE A 360 -23.78 12.57 23.78
N LEU A 361 -24.94 12.38 24.42
CA LEU A 361 -25.99 11.53 23.90
C LEU A 361 -27.01 12.34 23.06
N LYS A 362 -26.66 13.58 22.77
CA LYS A 362 -27.50 14.41 21.94
C LYS A 362 -27.50 13.87 20.51
N GLY A 363 -28.69 13.59 20.01
CA GLY A 363 -28.86 13.30 18.59
C GLY A 363 -28.85 11.84 18.21
N LEU A 364 -29.50 11.02 19.02
CA LEU A 364 -29.46 9.61 18.78
C LEU A 364 -30.88 9.14 18.66
N ASP A 365 -31.10 8.15 17.82
CA ASP A 365 -32.45 7.62 17.65
C ASP A 365 -32.55 6.34 18.43
N ALA A 366 -31.41 5.89 18.95
CA ALA A 366 -31.37 4.76 19.87
C ALA A 366 -30.04 4.63 20.55
N ILE A 367 -30.07 3.90 21.66
CA ILE A 367 -28.88 3.72 22.46
C ILE A 367 -28.68 2.25 22.77
N LEU A 368 -27.50 1.76 22.44
CA LEU A 368 -27.14 0.40 22.83
C LEU A 368 -25.97 0.46 23.79
N VAL A 369 -26.14 -0.23 24.93
CA VAL A 369 -25.02 -0.46 25.90
C VAL A 369 -24.65 -1.95 25.89
N PRO A 370 -23.41 -2.24 25.46
CA PRO A 370 -22.88 -3.59 25.30
C PRO A 370 -22.19 -4.10 26.56
N GLY A 371 -21.78 -5.36 26.54
CA GLY A 371 -21.10 -5.97 27.68
C GLY A 371 -19.71 -5.43 28.03
N GLY A 372 -19.17 -5.93 29.14
CA GLY A 372 -17.86 -5.48 29.65
C GLY A 372 -17.54 -5.98 31.06
N PHE A 373 -16.33 -5.67 31.51
CA PHE A 373 -15.87 -6.08 32.82
C PHE A 373 -15.15 -4.90 33.42
N GLY A 374 -15.15 -4.79 34.75
CA GLY A 374 -14.36 -3.73 35.40
C GLY A 374 -15.24 -2.55 35.68
N TYR A 375 -14.97 -1.83 36.75
CA TYR A 375 -15.80 -0.70 37.15
C TYR A 375 -15.65 0.53 36.22
N ARG A 376 -14.41 0.84 35.81
CA ARG A 376 -14.12 2.03 34.99
C ARG A 376 -15.19 2.20 33.89
N GLY A 377 -15.85 3.37 33.86
CA GLY A 377 -16.86 3.67 32.83
C GLY A 377 -18.27 3.11 33.02
N VAL A 378 -18.50 2.38 34.11
CA VAL A 378 -19.84 1.82 34.36
C VAL A 378 -20.79 2.86 34.93
N GLU A 379 -20.24 3.89 35.56
CA GLU A 379 -21.15 4.86 36.15
C GLU A 379 -21.76 5.61 34.96
N GLY A 380 -20.91 5.91 33.96
CA GLY A 380 -21.37 6.47 32.66
C GLY A 380 -22.49 5.67 31.97
N MET A 381 -22.42 4.33 32.07
CA MET A 381 -23.44 3.46 31.49
C MET A 381 -24.75 3.52 32.23
N ILE A 382 -24.67 3.71 33.54
CA ILE A 382 -25.90 3.83 34.33
C ILE A 382 -26.57 5.19 34.01
N THR A 383 -25.78 6.27 33.94
CA THR A 383 -26.33 7.58 33.54
C THR A 383 -26.98 7.39 32.18
N THR A 384 -26.25 6.73 31.26
CA THR A 384 -26.74 6.44 29.91
C THR A 384 -28.05 5.68 29.85
N ALA A 385 -28.21 4.64 30.65
CA ALA A 385 -29.46 3.85 30.63
C ALA A 385 -30.65 4.64 31.17
N ARG A 386 -30.34 5.57 32.07
CA ARG A 386 -31.32 6.45 32.66
C ARG A 386 -31.87 7.40 31.57
N PHE A 387 -30.96 8.22 31.04
CA PHE A 387 -31.20 9.12 29.92
C PHE A 387 -32.18 8.52 28.92
N ALA A 388 -31.94 7.27 28.57
CA ALA A 388 -32.78 6.61 27.61
C ALA A 388 -34.10 6.13 28.17
N ARG A 389 -34.12 5.56 29.37
CA ARG A 389 -35.41 5.19 29.96
C ARG A 389 -36.24 6.45 30.19
N GLU A 390 -35.55 7.54 30.55
CA GLU A 390 -36.25 8.79 30.85
C GLU A 390 -36.77 9.51 29.62
N ASN A 391 -35.89 9.91 28.70
CA ASN A 391 -36.30 10.61 27.47
C ASN A 391 -36.91 9.73 26.35
N ASN A 392 -37.46 8.58 26.72
CA ASN A 392 -38.15 7.66 25.79
C ASN A 392 -37.45 7.29 24.46
N ILE A 393 -36.11 7.25 24.53
CA ILE A 393 -35.19 6.83 23.47
C ILE A 393 -34.98 5.32 23.51
N PRO A 394 -35.06 4.61 22.35
CA PRO A 394 -34.98 3.13 22.43
C PRO A 394 -33.61 2.56 22.83
N TYR A 395 -33.67 1.53 23.67
CA TYR A 395 -32.49 1.02 24.37
C TYR A 395 -32.39 -0.47 24.31
N LEU A 396 -31.20 -0.91 23.96
CA LEU A 396 -30.88 -2.31 24.03
C LEU A 396 -29.64 -2.40 24.91
N GLY A 397 -29.73 -3.32 25.88
CA GLY A 397 -28.66 -3.55 26.84
C GLY A 397 -28.30 -5.01 26.86
N ILE A 398 -27.01 -5.26 26.59
CA ILE A 398 -26.52 -6.64 26.48
C ILE A 398 -25.56 -6.88 27.62
N CYS A 399 -25.90 -7.89 28.43
CA CYS A 399 -25.11 -8.31 29.61
C CYS A 399 -24.87 -7.13 30.58
N LEU A 400 -23.62 -6.68 30.72
CA LEU A 400 -23.36 -5.44 31.45
C LEU A 400 -24.50 -4.44 31.21
N GLY A 401 -24.85 -4.21 29.94
CA GLY A 401 -25.92 -3.29 29.57
C GLY A 401 -27.27 -3.63 30.17
N MET A 402 -27.56 -4.91 30.34
CA MET A 402 -28.79 -5.22 31.04
C MET A 402 -28.63 -5.00 32.52
N GLN A 403 -27.47 -5.32 33.06
CA GLN A 403 -27.18 -5.12 34.49
C GLN A 403 -27.22 -3.67 34.87
N VAL A 404 -26.54 -2.80 34.12
CA VAL A 404 -26.57 -1.37 34.45
C VAL A 404 -27.95 -0.74 34.24
N ALA A 405 -28.86 -1.47 33.60
CA ALA A 405 -30.23 -0.98 33.42
C ALA A 405 -31.02 -1.21 34.69
N LEU A 406 -30.88 -2.40 35.25
CA LEU A 406 -31.47 -2.75 36.54
C LEU A 406 -30.91 -1.80 37.60
N ILE A 407 -29.60 -1.59 37.61
CA ILE A 407 -29.05 -0.60 38.53
C ILE A 407 -29.78 0.75 38.44
N ASP A 408 -29.87 1.31 37.23
CA ASP A 408 -30.62 2.56 36.97
C ASP A 408 -32.02 2.54 37.58
N TYR A 409 -32.71 1.44 37.37
CA TYR A 409 -34.10 1.36 37.73
C TYR A 409 -34.23 1.40 39.24
N ALA A 410 -33.91 0.29 39.89
CA ALA A 410 -33.82 0.20 41.36
C ALA A 410 -33.30 1.49 42.00
N ARG A 411 -32.22 2.04 41.46
CA ARG A 411 -31.57 3.26 41.97
C ARG A 411 -32.37 4.56 41.73
N HIS A 412 -33.21 4.61 40.69
CA HIS A 412 -33.91 5.89 40.36
C HIS A 412 -35.41 5.81 40.27
N VAL A 413 -36.01 4.63 40.42
CA VAL A 413 -37.47 4.46 40.36
C VAL A 413 -38.00 3.59 41.52
N ALA A 414 -37.14 2.75 42.09
CA ALA A 414 -37.49 1.98 43.30
C ALA A 414 -36.75 2.58 44.52
N ASN A 415 -36.02 3.66 44.26
CA ASN A 415 -35.29 4.46 45.27
C ASN A 415 -34.29 3.71 46.18
N MET A 416 -33.73 2.62 45.67
CA MET A 416 -32.71 1.86 46.37
C MET A 416 -31.35 2.54 46.22
N GLU A 417 -31.12 3.58 47.01
CA GLU A 417 -29.89 4.38 47.01
C GLU A 417 -28.62 3.59 46.68
N ASN A 418 -27.77 4.19 45.86
CA ASN A 418 -26.43 3.67 45.51
C ASN A 418 -26.33 2.19 45.10
N ALA A 419 -27.49 1.57 44.77
CA ALA A 419 -27.59 0.17 44.25
C ALA A 419 -26.49 -0.14 43.26
N ASN A 420 -26.00 -1.37 43.33
CA ASN A 420 -24.88 -1.68 42.47
C ASN A 420 -24.74 -3.19 42.25
N SER A 421 -23.64 -3.57 41.62
CA SER A 421 -23.25 -4.95 41.49
C SER A 421 -22.04 -5.24 42.40
N THR A 422 -22.08 -6.37 43.09
CA THR A 422 -20.95 -6.77 43.92
C THR A 422 -19.62 -6.82 43.15
N GLU A 423 -19.70 -6.96 41.82
CA GLU A 423 -18.50 -6.90 40.97
C GLU A 423 -17.77 -5.58 41.10
N PHE A 424 -18.49 -4.52 41.49
CA PHE A 424 -17.93 -3.14 41.43
C PHE A 424 -17.71 -2.53 42.80
N VAL A 425 -18.71 -2.72 43.65
CA VAL A 425 -18.64 -2.29 45.03
C VAL A 425 -19.34 -3.36 45.85
N PRO A 426 -18.55 -4.31 46.40
CA PRO A 426 -19.02 -5.60 46.98
C PRO A 426 -19.90 -5.53 48.22
N ASP A 427 -19.72 -4.47 48.99
CA ASP A 427 -20.40 -4.31 50.26
C ASP A 427 -21.51 -3.26 50.18
N CYS A 428 -22.06 -3.00 49.00
CA CYS A 428 -23.10 -1.98 48.84
C CYS A 428 -24.38 -2.38 49.57
N LYS A 429 -25.16 -1.40 50.00
CA LYS A 429 -26.34 -1.74 50.76
C LYS A 429 -27.25 -2.60 49.88
N TYR A 430 -27.33 -2.21 48.61
CA TYR A 430 -28.23 -2.84 47.65
C TYR A 430 -27.52 -3.56 46.48
N PRO A 431 -27.14 -4.84 46.69
CA PRO A 431 -26.47 -5.55 45.63
C PRO A 431 -27.52 -6.21 44.73
N VAL A 432 -28.03 -5.45 43.77
CA VAL A 432 -29.08 -5.94 42.83
C VAL A 432 -28.54 -6.96 41.85
N VAL A 433 -27.24 -6.82 41.54
CA VAL A 433 -26.44 -7.79 40.76
C VAL A 433 -25.25 -8.35 41.57
N ALA A 434 -25.18 -9.68 41.68
CA ALA A 434 -24.22 -10.32 42.56
C ALA A 434 -24.07 -11.78 42.19
N LEU A 435 -22.92 -12.39 42.50
CA LEU A 435 -22.78 -13.83 42.26
C LEU A 435 -23.92 -14.56 42.98
N ILE A 436 -24.25 -15.78 42.61
CA ILE A 436 -25.36 -16.43 43.24
C ILE A 436 -24.99 -16.73 44.70
N THR A 437 -23.74 -17.11 44.93
CA THR A 437 -23.25 -17.30 46.30
C THR A 437 -23.31 -15.99 47.15
N GLU A 438 -23.15 -14.82 46.54
CA GLU A 438 -23.22 -13.56 47.30
C GLU A 438 -24.63 -12.98 47.66
N TRP A 439 -25.68 -13.57 47.11
CA TRP A 439 -27.09 -13.10 47.28
C TRP A 439 -27.59 -12.79 48.68
N ARG A 440 -27.64 -11.50 49.01
CA ARG A 440 -28.15 -11.08 50.30
C ARG A 440 -29.33 -10.13 50.14
N ASP A 441 -29.60 -9.35 51.17
CA ASP A 441 -30.52 -8.21 51.06
C ASP A 441 -29.94 -6.92 51.71
N GLU A 442 -30.82 -5.94 51.96
CA GLU A 442 -30.41 -4.64 52.53
C GLU A 442 -30.04 -4.74 54.03
N ASN A 443 -30.49 -5.82 54.67
CA ASN A 443 -30.20 -6.11 56.06
C ASN A 443 -28.99 -7.05 56.26
N GLY A 444 -28.61 -7.77 55.20
CA GLY A 444 -27.49 -8.74 55.26
C GLY A 444 -28.01 -10.17 55.29
N ASN A 445 -29.34 -10.31 55.17
CA ASN A 445 -30.02 -11.63 55.20
C ASN A 445 -29.78 -12.47 53.91
N VAL A 446 -29.87 -13.79 54.01
CA VAL A 446 -29.46 -14.69 52.91
C VAL A 446 -30.44 -15.86 52.69
N GLU A 447 -30.32 -16.58 51.57
CA GLU A 447 -31.32 -17.60 51.08
C GLU A 447 -32.16 -17.11 49.84
N MET A 459 -19.32 -19.12 36.61
CA MET A 459 -19.45 -18.34 35.34
C MET A 459 -20.17 -19.02 34.15
N ARG A 460 -21.38 -18.55 33.77
CA ARG A 460 -22.18 -19.17 32.69
C ARG A 460 -21.71 -18.91 31.24
N LEU A 461 -21.59 -20.01 30.50
CA LEU A 461 -21.02 -20.00 29.17
C LEU A 461 -21.82 -20.84 28.20
N GLY A 462 -22.04 -20.34 27.00
CA GLY A 462 -22.64 -21.22 25.99
C GLY A 462 -24.12 -21.04 25.78
N ALA A 463 -24.66 -21.94 24.96
CA ALA A 463 -26.08 -21.98 24.59
C ALA A 463 -26.91 -22.39 25.77
N GLN A 464 -27.91 -21.59 26.09
CA GLN A 464 -28.77 -21.97 27.19
C GLN A 464 -30.22 -21.60 26.88
N GLN A 465 -31.10 -22.52 27.25
CA GLN A 465 -32.51 -22.27 27.12
C GLN A 465 -32.96 -21.12 28.03
N CYS A 466 -33.82 -20.30 27.46
CA CYS A 466 -34.42 -19.19 28.18
C CYS A 466 -35.96 -19.24 27.95
N GLN A 467 -36.75 -18.91 28.98
CA GLN A 467 -38.24 -18.96 28.94
C GLN A 467 -38.79 -17.55 28.86
N LEU A 468 -39.70 -17.33 27.91
CA LEU A 468 -40.21 -15.99 27.73
C LEU A 468 -41.56 -15.80 28.43
N VAL A 469 -41.69 -14.68 29.14
CA VAL A 469 -42.90 -14.34 29.87
C VAL A 469 -44.01 -14.06 28.85
N ASP A 470 -45.19 -14.67 29.05
CA ASP A 470 -46.29 -14.67 28.06
C ASP A 470 -46.77 -13.32 27.54
N ASP A 471 -46.50 -12.23 28.25
CA ASP A 471 -47.02 -10.99 27.73
C ASP A 471 -45.99 -9.93 27.45
N SER A 472 -44.83 -10.35 26.98
CA SER A 472 -43.70 -9.42 26.80
C SER A 472 -43.43 -9.04 25.36
N LEU A 473 -42.89 -7.84 25.18
CA LEU A 473 -42.41 -7.34 23.88
C LEU A 473 -41.44 -8.30 23.19
N VAL A 474 -40.99 -9.27 23.95
CA VAL A 474 -39.94 -10.13 23.57
C VAL A 474 -40.51 -11.52 23.24
N ARG A 475 -41.63 -11.91 23.85
CA ARG A 475 -42.27 -13.19 23.48
C ARG A 475 -42.83 -12.95 22.09
N GLN A 476 -43.05 -11.67 21.81
CA GLN A 476 -43.58 -11.25 20.56
C GLN A 476 -42.51 -11.32 19.51
N LEU A 477 -41.47 -10.47 19.66
CA LEU A 477 -40.38 -10.37 18.67
C LEU A 477 -39.84 -11.74 18.33
N TYR A 478 -39.60 -12.56 19.35
CA TYR A 478 -39.07 -13.92 19.07
C TYR A 478 -40.12 -14.86 18.61
N ASN A 479 -41.39 -14.43 18.68
CA ASN A 479 -42.47 -15.26 18.20
C ASN A 479 -42.30 -16.73 18.65
N ALA A 480 -41.99 -16.94 19.94
CA ALA A 480 -41.96 -18.34 20.52
C ALA A 480 -41.88 -18.33 22.08
N PRO A 481 -42.17 -19.48 22.75
CA PRO A 481 -42.21 -19.45 24.24
C PRO A 481 -40.80 -19.54 24.89
N THR A 482 -40.09 -20.59 24.51
CA THR A 482 -38.75 -20.87 24.88
C THR A 482 -37.73 -20.56 23.70
N ILE A 483 -36.58 -19.98 24.02
CA ILE A 483 -35.52 -19.71 23.03
C ILE A 483 -34.12 -20.19 23.46
N VAL A 484 -33.15 -20.09 22.57
CA VAL A 484 -31.75 -20.44 22.87
C VAL A 484 -30.80 -19.29 22.54
N GLU A 485 -30.08 -18.85 23.54
CA GLU A 485 -29.16 -17.76 23.37
C GLU A 485 -27.88 -18.09 24.15
N ARG A 486 -26.83 -17.30 23.93
CA ARG A 486 -25.50 -17.67 24.45
C ARG A 486 -24.98 -16.77 25.55
N HIS A 487 -24.45 -17.39 26.61
CA HIS A 487 -23.95 -16.62 27.78
C HIS A 487 -22.45 -16.55 27.89
N ARG A 488 -21.99 -15.40 28.35
CA ARG A 488 -20.66 -15.30 28.91
C ARG A 488 -20.68 -14.26 30.03
N HIS A 489 -20.98 -14.72 31.24
CA HIS A 489 -21.06 -13.80 32.42
C HIS A 489 -21.12 -14.56 33.73
N ARG A 490 -20.70 -13.86 34.79
CA ARG A 490 -20.69 -14.38 36.17
C ARG A 490 -21.85 -13.86 37.04
N TYR A 491 -22.09 -12.55 36.96
CA TYR A 491 -22.99 -11.85 37.88
C TYR A 491 -24.44 -11.93 37.46
N GLU A 492 -25.27 -12.41 38.38
CA GLU A 492 -26.72 -12.50 38.16
C GLU A 492 -27.56 -11.41 38.84
N VAL A 493 -28.80 -11.33 38.45
CA VAL A 493 -29.74 -10.44 39.09
C VAL A 493 -30.00 -11.07 40.44
N ASN A 494 -29.87 -10.27 41.50
CA ASN A 494 -30.19 -10.70 42.87
C ASN A 494 -31.67 -10.96 43.08
N ASN A 495 -32.09 -12.24 43.22
CA ASN A 495 -33.52 -12.61 43.38
C ASN A 495 -34.19 -12.10 44.66
N MET A 496 -33.38 -11.87 45.68
CA MET A 496 -33.87 -11.38 46.94
C MET A 496 -34.24 -9.89 46.83
N LEU A 497 -33.47 -9.13 46.08
CA LEU A 497 -33.86 -7.75 45.84
C LEU A 497 -34.86 -7.59 44.66
N LEU A 498 -35.30 -8.70 44.09
CA LEU A 498 -36.09 -8.66 42.83
C LEU A 498 -37.55 -8.22 42.97
N LYS A 499 -38.33 -8.93 43.79
CA LYS A 499 -39.77 -8.64 43.97
C LYS A 499 -40.02 -7.17 44.31
N GLN A 500 -39.04 -6.55 44.94
CA GLN A 500 -39.05 -5.12 45.28
C GLN A 500 -38.91 -4.18 44.07
N ILE A 501 -38.08 -4.57 43.11
CA ILE A 501 -37.89 -3.80 41.88
C ILE A 501 -39.02 -4.02 40.87
N GLU A 502 -39.55 -5.25 40.83
CA GLU A 502 -40.78 -5.58 40.06
C GLU A 502 -42.00 -4.72 40.48
N ASP A 503 -42.26 -4.61 41.78
CA ASP A 503 -43.33 -3.77 42.32
C ASP A 503 -43.19 -2.34 41.83
N ALA A 504 -41.98 -1.77 41.96
CA ALA A 504 -41.74 -0.39 41.49
C ALA A 504 -41.78 -0.18 39.96
N GLY A 505 -42.38 -1.12 39.22
CA GLY A 505 -42.53 -0.98 37.75
C GLY A 505 -41.93 -2.01 36.77
N LEU A 506 -40.60 -2.20 36.85
CA LEU A 506 -39.82 -3.10 35.97
C LEU A 506 -40.45 -4.45 35.69
N ARG A 507 -40.19 -5.01 34.50
CA ARG A 507 -40.81 -6.29 34.09
C ARG A 507 -39.81 -7.38 33.71
N VAL A 508 -40.12 -8.59 34.11
CA VAL A 508 -39.24 -9.69 33.92
C VAL A 508 -39.78 -10.41 32.70
N ALA A 509 -39.04 -10.31 31.60
CA ALA A 509 -39.47 -10.85 30.31
C ALA A 509 -38.95 -12.25 30.02
N GLY A 510 -37.83 -12.64 30.60
CA GLY A 510 -37.40 -14.03 30.41
C GLY A 510 -36.56 -14.46 31.59
N ARG A 511 -36.49 -15.79 31.79
CA ARG A 511 -35.79 -16.42 32.91
C ARG A 511 -35.23 -17.78 32.46
N SER A 512 -34.23 -18.32 33.15
CA SER A 512 -33.61 -19.62 32.78
C SER A 512 -34.48 -20.92 32.87
N GLY A 513 -33.82 -22.00 33.29
CA GLY A 513 -34.47 -23.29 33.52
C GLY A 513 -34.72 -23.46 35.02
N ASP A 514 -33.67 -23.73 35.80
CA ASP A 514 -33.77 -23.83 37.27
C ASP A 514 -33.40 -22.52 37.88
N ASP A 515 -33.49 -22.41 39.22
CA ASP A 515 -33.14 -21.17 39.93
C ASP A 515 -33.84 -19.94 39.33
N GLN A 516 -34.74 -20.17 38.38
CA GLN A 516 -35.29 -19.09 37.54
C GLN A 516 -34.47 -17.78 37.69
N LEU A 517 -33.29 -17.72 37.05
CA LEU A 517 -32.46 -16.52 37.05
C LEU A 517 -33.04 -15.61 36.02
N VAL A 518 -32.89 -14.33 36.22
CA VAL A 518 -33.48 -13.38 35.30
C VAL A 518 -32.64 -13.22 34.04
N GLU A 519 -33.21 -13.50 32.86
CA GLU A 519 -32.47 -13.31 31.61
C GLU A 519 -32.82 -12.05 30.85
N ILE A 520 -34.07 -11.60 30.94
CA ILE A 520 -34.50 -10.40 30.19
C ILE A 520 -35.41 -9.49 31.02
N ILE A 521 -35.08 -8.20 31.04
CA ILE A 521 -35.90 -7.15 31.67
C ILE A 521 -36.45 -6.11 30.65
N GLU A 522 -37.71 -5.69 30.83
CA GLU A 522 -38.33 -4.60 30.02
C GLU A 522 -38.90 -3.48 30.94
N VAL A 523 -38.66 -2.21 30.60
CA VAL A 523 -39.37 -1.07 31.24
C VAL A 523 -40.68 -0.79 30.46
N PRO A 524 -41.87 -1.30 30.90
CA PRO A 524 -43.02 -1.25 29.94
C PRO A 524 -43.75 0.12 29.74
N ASN A 525 -43.20 1.22 30.30
CA ASN A 525 -43.72 2.56 29.94
C ASN A 525 -42.78 3.37 29.05
N HIS A 526 -42.29 2.68 28.03
CA HIS A 526 -41.26 3.16 27.10
C HIS A 526 -41.62 2.61 25.73
N PRO A 527 -41.25 3.32 24.65
CA PRO A 527 -41.62 2.74 23.34
C PRO A 527 -40.92 1.39 23.06
N TRP A 528 -39.61 1.33 23.34
CA TRP A 528 -38.77 0.13 23.12
C TRP A 528 -37.60 0.07 24.08
N PHE A 529 -37.76 -0.72 25.14
CA PHE A 529 -36.69 -0.88 26.18
C PHE A 529 -36.53 -2.35 26.52
N VAL A 530 -35.46 -2.95 25.98
CA VAL A 530 -35.18 -4.35 26.26
C VAL A 530 -33.73 -4.41 26.71
N ALA A 531 -33.45 -5.38 27.60
CA ALA A 531 -32.08 -5.67 28.08
C ALA A 531 -31.99 -7.14 28.51
N CYS A 532 -30.86 -7.75 28.20
CA CYS A 532 -30.72 -9.19 28.38
C CYS A 532 -29.33 -9.55 28.81
N GLN A 533 -29.23 -10.72 29.45
CA GLN A 533 -28.02 -11.26 30.04
C GLN A 533 -27.17 -11.95 29.02
N PHE A 534 -27.82 -12.76 28.15
CA PHE A 534 -27.16 -13.46 27.04
C PHE A 534 -26.62 -12.48 25.97
N HIS A 535 -25.78 -12.99 25.04
CA HIS A 535 -25.24 -12.16 23.98
C HIS A 535 -26.00 -12.41 22.68
N PRO A 536 -27.06 -11.64 22.39
CA PRO A 536 -27.84 -12.03 21.22
C PRO A 536 -27.04 -11.88 19.88
N GLU A 537 -26.11 -10.90 19.85
CA GLU A 537 -25.22 -10.68 18.69
C GLU A 537 -24.57 -11.99 18.16
N PHE A 538 -24.26 -12.94 19.02
CA PHE A 538 -23.62 -14.17 18.55
C PHE A 538 -24.50 -15.06 17.72
N THR A 539 -25.81 -14.86 17.74
CA THR A 539 -26.64 -15.65 16.83
C THR A 539 -27.14 -14.89 15.56
N SER A 540 -26.95 -13.58 15.50
CA SER A 540 -27.34 -12.76 14.36
C SER A 540 -26.47 -13.05 13.11
N THR A 541 -27.12 -13.19 11.96
CA THR A 541 -26.43 -13.30 10.70
C THR A 541 -27.04 -12.36 9.68
N PRO A 542 -26.33 -12.07 8.59
CA PRO A 542 -26.96 -11.16 7.65
C PRO A 542 -28.12 -11.86 6.87
N ARG A 543 -27.99 -13.15 6.62
CA ARG A 543 -29.03 -13.88 5.90
C ARG A 543 -30.29 -13.99 6.74
N ASP A 544 -30.16 -14.40 8.00
CA ASP A 544 -31.36 -14.64 8.84
C ASP A 544 -31.74 -13.56 9.83
N GLY A 545 -30.95 -12.49 9.92
CA GLY A 545 -31.21 -11.36 10.84
C GLY A 545 -31.23 -11.77 12.30
N HIS A 546 -31.83 -10.94 13.15
CA HIS A 546 -32.09 -11.27 14.58
C HIS A 546 -33.29 -10.51 15.12
N PRO A 547 -34.24 -11.24 15.72
CA PRO A 547 -35.49 -10.64 16.15
C PRO A 547 -35.32 -9.44 17.09
N LEU A 548 -34.42 -9.55 18.07
CA LEU A 548 -34.15 -8.39 18.94
C LEU A 548 -33.58 -7.22 18.20
N PHE A 549 -32.57 -7.43 17.35
CA PHE A 549 -31.96 -6.28 16.64
C PHE A 549 -32.88 -5.75 15.50
N ALA A 550 -33.63 -6.64 14.83
CA ALA A 550 -34.68 -6.20 13.91
C ALA A 550 -35.62 -5.24 14.66
N GLY A 551 -36.22 -5.76 15.74
CA GLY A 551 -37.04 -4.98 16.66
C GLY A 551 -36.38 -3.67 17.05
N PHE A 552 -35.14 -3.77 17.53
CA PHE A 552 -34.46 -2.62 18.06
C PHE A 552 -34.29 -1.57 16.98
N VAL A 553 -33.84 -1.98 15.79
CA VAL A 553 -33.57 -1.01 14.69
C VAL A 553 -34.89 -0.44 14.18
N LYS A 554 -35.95 -1.29 14.09
CA LYS A 554 -37.27 -0.82 13.67
C LYS A 554 -37.73 0.31 14.55
N ALA A 555 -37.64 0.10 15.85
CA ALA A 555 -37.97 1.10 16.87
C ALA A 555 -37.15 2.39 16.75
N ALA A 556 -35.88 2.24 16.41
CA ALA A 556 -35.02 3.39 16.25
C ALA A 556 -35.46 4.27 15.05
N SER A 557 -36.09 3.62 14.08
CA SER A 557 -36.53 4.26 12.85
C SER A 557 -37.79 5.02 13.15
N GLU A 558 -38.73 4.34 13.80
CA GLU A 558 -39.99 4.94 14.29
C GLU A 558 -39.73 6.20 15.14
N PHE A 559 -38.74 6.13 16.01
CA PHE A 559 -38.37 7.25 16.85
C PHE A 559 -37.83 8.39 16.03
N GLN A 560 -37.02 8.08 15.03
CA GLN A 560 -36.39 9.10 14.20
C GLN A 560 -37.41 9.89 13.40
N LYS A 561 -38.43 9.19 12.92
CA LYS A 561 -39.59 9.77 12.23
C LYS A 561 -40.34 10.78 13.13
N ARG A 562 -40.64 10.40 14.37
CA ARG A 562 -41.27 11.36 15.29
C ARG A 562 -40.49 12.72 15.59
N GLN A 563 -39.24 12.91 15.16
CA GLN A 563 -38.54 14.23 15.40
C GLN A 563 -38.59 15.17 14.21
N MET B 21 42.71 12.40 3.67
CA MET B 21 41.33 12.01 4.07
C MET B 21 40.84 10.69 3.39
N THR B 22 40.41 9.70 4.19
CA THR B 22 39.95 8.41 3.67
C THR B 22 38.55 8.48 3.01
N THR B 23 38.36 7.81 1.87
CA THR B 23 37.03 7.80 1.23
C THR B 23 36.06 6.91 2.02
N ASN B 24 34.82 7.42 2.23
CA ASN B 24 33.76 6.69 2.85
C ASN B 24 32.64 6.31 1.86
N TYR B 25 32.04 5.14 2.05
CA TYR B 25 30.99 4.67 1.14
C TYR B 25 29.72 4.46 1.85
N ILE B 26 28.65 5.00 1.31
CA ILE B 26 27.31 4.65 1.81
C ILE B 26 26.60 3.84 0.73
N PHE B 27 26.34 2.57 0.96
CA PHE B 27 25.65 1.78 -0.06
C PHE B 27 24.15 1.85 0.09
N VAL B 28 23.48 2.22 -0.99
CA VAL B 28 22.05 2.35 -0.92
C VAL B 28 21.33 1.17 -1.63
N THR B 29 20.59 0.39 -0.86
CA THR B 29 19.83 -0.73 -1.43
C THR B 29 18.33 -0.55 -1.18
N GLY B 30 17.50 -1.27 -1.94
CA GLY B 30 16.06 -1.19 -1.71
C GLY B 30 15.49 -2.56 -1.52
N GLY B 31 14.37 -2.63 -0.78
CA GLY B 31 13.74 -3.91 -0.51
C GLY B 31 12.23 -3.83 -0.62
N VAL B 32 11.54 -5.00 -0.61
CA VAL B 32 10.10 -5.09 -0.76
C VAL B 32 9.56 -4.84 -2.17
N VAL B 33 9.77 -3.64 -2.68
CA VAL B 33 9.35 -3.37 -4.05
C VAL B 33 10.34 -2.44 -4.67
N SER B 34 10.22 -2.24 -5.97
CA SER B 34 11.04 -1.26 -6.70
C SER B 34 10.11 -0.05 -6.89
N SER B 35 10.60 1.02 -7.53
CA SER B 35 9.89 2.30 -7.58
C SER B 35 9.76 2.88 -6.19
N LEU B 36 10.77 2.67 -5.41
CA LEU B 36 10.70 3.04 -4.04
C LEU B 36 11.24 4.47 -3.86
N GLY B 37 11.88 5.02 -4.88
CA GLY B 37 12.56 6.31 -4.77
C GLY B 37 14.00 6.27 -4.25
N LYS B 38 14.76 5.24 -4.62
CA LYS B 38 16.11 5.15 -4.15
C LYS B 38 16.91 6.30 -4.73
N GLY B 39 16.66 6.65 -5.99
CA GLY B 39 17.53 7.61 -6.65
C GLY B 39 17.36 8.91 -5.93
N ILE B 40 16.11 9.26 -5.78
CA ILE B 40 15.78 10.49 -5.15
C ILE B 40 16.19 10.56 -3.68
N ALA B 41 16.06 9.44 -2.95
CA ALA B 41 16.45 9.41 -1.56
C ALA B 41 17.97 9.60 -1.41
N ALA B 42 18.74 8.90 -2.25
CA ALA B 42 20.20 9.05 -2.28
C ALA B 42 20.61 10.49 -2.66
N ALA B 43 20.00 11.02 -3.70
CA ALA B 43 20.35 12.31 -4.17
C ALA B 43 20.09 13.36 -3.08
N SER B 44 18.96 13.22 -2.39
CA SER B 44 18.63 14.17 -1.34
C SER B 44 19.63 14.12 -0.20
N LEU B 45 19.98 12.89 0.20
CA LEU B 45 20.97 12.69 1.22
C LEU B 45 22.28 13.36 0.74
N ALA B 46 22.65 13.15 -0.52
CA ALA B 46 23.84 13.80 -1.05
C ALA B 46 23.77 15.33 -0.96
N ALA B 47 22.57 15.85 -1.12
CA ALA B 47 22.41 17.28 -1.12
C ALA B 47 22.67 17.79 0.27
N ILE B 48 22.17 17.06 1.25
CA ILE B 48 22.44 17.48 2.60
C ILE B 48 23.93 17.50 2.85
N LEU B 49 24.61 16.38 2.54
CA LEU B 49 26.03 16.29 2.80
C LEU B 49 26.81 17.45 2.12
N GLU B 50 26.46 17.72 0.88
CA GLU B 50 27.04 18.81 0.10
C GLU B 50 27.03 20.12 0.89
N ALA B 51 25.90 20.36 1.55
CA ALA B 51 25.67 21.57 2.28
C ALA B 51 26.39 21.61 3.65
N ARG B 52 27.18 20.58 3.96
CA ARG B 52 27.99 20.53 5.14
C ARG B 52 29.41 20.69 4.65
N GLY B 53 29.52 21.11 3.40
CA GLY B 53 30.83 21.34 2.80
C GLY B 53 31.59 20.08 2.44
N LEU B 54 30.95 18.90 2.54
CA LEU B 54 31.66 17.65 2.20
C LEU B 54 31.76 17.45 0.65
N ASN B 55 32.84 16.85 0.21
CA ASN B 55 32.94 16.54 -1.17
C ASN B 55 32.29 15.15 -1.51
N VAL B 56 31.12 15.19 -2.16
CA VAL B 56 30.25 14.08 -2.29
C VAL B 56 30.11 13.58 -3.70
N THR B 57 29.95 12.29 -3.92
CA THR B 57 29.43 11.91 -5.22
C THR B 57 28.48 10.75 -5.14
N ILE B 58 27.87 10.39 -6.25
CA ILE B 58 26.91 9.29 -6.28
C ILE B 58 27.13 8.47 -7.55
N MET B 59 26.86 7.17 -7.49
CA MET B 59 26.90 6.36 -8.70
C MET B 59 25.72 5.35 -8.75
N LYS B 60 25.26 5.00 -9.96
CA LYS B 60 24.21 3.99 -10.08
C LYS B 60 24.72 2.67 -10.67
N LEU B 61 24.41 1.55 -9.98
CA LEU B 61 24.67 0.22 -10.55
C LEU B 61 23.35 -0.39 -11.00
N ASP B 62 23.20 -0.54 -12.31
CA ASP B 62 21.99 -1.20 -12.84
C ASP B 62 22.22 -2.69 -13.19
N PRO B 63 21.25 -3.55 -12.84
CA PRO B 63 21.33 -5.00 -13.05
C PRO B 63 21.01 -5.48 -14.50
N TYR B 64 20.63 -4.55 -15.37
CA TYR B 64 20.37 -4.91 -16.74
C TYR B 64 21.57 -5.37 -17.52
N ILE B 65 21.26 -6.11 -18.57
CA ILE B 65 22.27 -6.76 -19.33
C ILE B 65 22.73 -5.84 -20.40
N ASN B 66 21.95 -4.81 -20.71
CA ASN B 66 22.40 -3.86 -21.76
C ASN B 66 23.74 -3.23 -21.40
N VAL B 67 24.60 -3.06 -22.40
CA VAL B 67 25.92 -2.62 -22.08
C VAL B 67 25.83 -1.19 -21.47
N ASP B 68 24.83 -0.45 -21.95
CA ASP B 68 24.54 0.91 -21.53
C ASP B 68 23.15 1.17 -22.12
N PRO B 69 22.41 2.14 -21.56
CA PRO B 69 20.99 2.35 -21.99
C PRO B 69 20.80 2.93 -23.35
N GLY B 70 21.90 3.15 -24.08
CA GLY B 70 21.87 3.63 -25.45
C GLY B 70 20.95 2.84 -26.37
N THR B 71 20.76 1.55 -26.09
CA THR B 71 19.84 0.74 -26.89
C THR B 71 18.47 0.58 -26.28
N MET B 72 18.16 1.34 -25.24
CA MET B 72 16.84 1.22 -24.63
C MET B 72 15.86 2.31 -25.07
N SER B 73 14.66 1.88 -25.47
CA SER B 73 13.59 2.81 -25.81
C SER B 73 13.28 3.69 -24.60
N PRO B 74 12.88 4.92 -24.85
CA PRO B 74 12.55 5.81 -23.72
C PRO B 74 11.38 5.31 -22.88
N ILE B 75 10.60 4.34 -23.37
CA ILE B 75 9.51 3.80 -22.58
C ILE B 75 9.94 2.57 -21.84
N GLN B 76 11.23 2.31 -21.82
CA GLN B 76 11.66 1.19 -21.03
C GLN B 76 11.94 1.64 -19.62
N HIS B 77 13.02 2.37 -19.40
CA HIS B 77 13.22 2.87 -18.02
C HIS B 77 13.31 4.36 -18.04
N GLY B 78 12.55 4.97 -18.96
CA GLY B 78 12.57 6.41 -19.11
C GLY B 78 13.69 6.95 -19.98
N GLU B 79 13.91 8.26 -19.88
CA GLU B 79 14.85 8.95 -20.74
C GLU B 79 16.22 8.39 -20.62
N VAL B 80 16.99 8.49 -21.71
CA VAL B 80 18.40 8.17 -21.70
C VAL B 80 19.12 9.48 -21.39
N PHE B 81 19.73 9.55 -20.23
CA PHE B 81 20.30 10.78 -19.80
C PHE B 81 21.68 10.80 -20.42
N VAL B 82 22.25 12.00 -20.62
CA VAL B 82 23.60 12.11 -21.20
C VAL B 82 24.48 13.01 -20.33
N THR B 83 25.66 12.55 -19.95
CA THR B 83 26.59 13.34 -19.15
C THR B 83 27.48 14.21 -20.05
N GLU B 84 28.26 15.10 -19.48
CA GLU B 84 29.11 15.97 -20.26
C GLU B 84 30.02 15.21 -21.19
N ASP B 85 30.53 14.11 -20.70
CA ASP B 85 31.53 13.40 -21.46
C ASP B 85 30.88 12.47 -22.50
N GLY B 86 29.57 12.59 -22.70
CA GLY B 86 28.95 11.81 -23.72
C GLY B 86 28.41 10.44 -23.38
N ALA B 87 28.56 10.00 -22.13
CA ALA B 87 27.97 8.70 -21.74
C ALA B 87 26.48 8.72 -21.78
N GLU B 88 25.92 7.63 -22.29
CA GLU B 88 24.49 7.38 -22.21
C GLU B 88 24.23 6.61 -20.89
N THR B 89 23.36 7.13 -20.04
CA THR B 89 23.26 6.58 -18.69
C THR B 89 21.81 6.54 -18.24
N ASP B 90 21.58 5.94 -17.08
CA ASP B 90 20.28 5.90 -16.41
C ASP B 90 19.80 7.27 -16.02
N LEU B 91 18.50 7.48 -16.05
CA LEU B 91 17.99 8.77 -15.64
C LEU B 91 18.31 9.12 -14.16
N ASP B 92 18.59 8.16 -13.29
CA ASP B 92 18.99 8.56 -11.93
C ASP B 92 20.10 9.63 -11.98
N LEU B 93 21.02 9.55 -12.93
CA LEU B 93 22.11 10.56 -12.94
C LEU B 93 21.59 12.00 -13.11
N GLY B 94 20.44 12.13 -13.78
CA GLY B 94 19.69 13.38 -13.79
C GLY B 94 19.33 13.84 -12.37
N HIS B 95 18.73 12.94 -11.59
CA HIS B 95 18.41 13.26 -10.22
C HIS B 95 19.67 13.70 -9.49
N TYR B 96 20.81 12.99 -9.72
CA TYR B 96 22.01 13.31 -8.99
C TYR B 96 22.44 14.73 -9.32
N GLU B 97 22.49 15.07 -10.62
CA GLU B 97 23.01 16.37 -11.00
C GLU B 97 22.09 17.51 -10.58
N ARG B 98 20.83 17.21 -10.34
CA ARG B 98 19.89 18.21 -9.90
C ARG B 98 19.85 18.35 -8.37
N PHE B 99 20.56 17.47 -7.65
CA PHE B 99 20.66 17.67 -6.20
C PHE B 99 22.10 18.01 -5.73
N ILE B 100 23.12 17.64 -6.48
CA ILE B 100 24.43 18.12 -6.11
C ILE B 100 25.14 18.70 -7.30
N ARG B 101 26.07 19.60 -7.02
CA ARG B 101 26.77 20.30 -8.07
C ARG B 101 27.95 19.53 -8.64
N THR B 102 28.06 18.24 -8.39
CA THR B 102 29.10 17.45 -9.03
C THR B 102 28.65 17.09 -10.44
N LYS B 103 29.61 16.91 -11.33
CA LYS B 103 29.26 16.48 -12.65
C LYS B 103 29.41 14.97 -12.78
N MET B 104 28.37 14.32 -13.29
CA MET B 104 28.43 12.88 -13.53
C MET B 104 29.21 12.64 -14.80
N SER B 105 29.87 11.49 -14.86
CA SER B 105 30.58 11.03 -16.07
C SER B 105 30.34 9.49 -16.26
N ARG B 106 30.96 8.88 -17.27
CA ARG B 106 30.84 7.44 -17.52
C ARG B 106 31.03 6.71 -16.18
N ARG B 107 31.96 7.20 -15.36
CA ARG B 107 32.36 6.61 -14.10
C ARG B 107 31.19 6.36 -13.13
N ASN B 108 30.08 7.11 -13.20
CA ASN B 108 29.01 7.03 -12.22
C ASN B 108 27.83 6.15 -12.61
N ASN B 109 27.97 5.39 -13.69
CA ASN B 109 26.90 4.49 -14.03
C ASN B 109 27.41 3.34 -14.83
N PHE B 110 27.21 2.13 -14.31
CA PHE B 110 27.49 0.94 -15.10
C PHE B 110 26.47 -0.15 -14.87
N THR B 111 26.42 -1.13 -15.77
CA THR B 111 25.41 -2.16 -15.70
C THR B 111 26.02 -3.53 -15.60
N THR B 112 25.17 -4.55 -15.48
CA THR B 112 25.71 -5.86 -15.36
C THR B 112 26.31 -6.18 -16.70
N GLY B 113 25.61 -5.81 -17.78
CA GLY B 113 26.18 -6.03 -19.14
C GLY B 113 27.61 -5.50 -19.28
N ARG B 114 27.85 -4.24 -18.90
CA ARG B 114 29.15 -3.66 -18.97
C ARG B 114 30.13 -4.49 -18.18
N ILE B 115 29.79 -4.88 -16.96
CA ILE B 115 30.72 -5.75 -16.22
C ILE B 115 31.03 -7.03 -16.95
N TYR B 116 29.99 -7.79 -17.31
CA TYR B 116 30.23 -9.04 -18.04
C TYR B 116 30.97 -8.84 -19.33
N SER B 117 30.63 -7.78 -20.06
CA SER B 117 31.31 -7.52 -21.32
C SER B 117 32.83 -7.26 -21.09
N ASP B 118 33.21 -6.47 -20.10
CA ASP B 118 34.65 -6.34 -19.85
C ASP B 118 35.33 -7.68 -19.52
N VAL B 119 34.77 -8.39 -18.54
CA VAL B 119 35.35 -9.68 -18.16
C VAL B 119 35.44 -10.67 -19.35
N LEU B 120 34.39 -10.77 -20.18
CA LEU B 120 34.46 -11.68 -21.34
C LEU B 120 35.59 -11.31 -22.31
N ARG B 121 35.71 -10.03 -22.62
CA ARG B 121 36.76 -9.58 -23.52
C ARG B 121 38.10 -9.98 -22.92
N LYS B 122 38.35 -9.70 -21.62
CA LYS B 122 39.64 -10.11 -21.00
C LYS B 122 39.88 -11.64 -20.96
N GLU B 123 38.82 -12.41 -20.71
CA GLU B 123 38.94 -13.88 -20.66
C GLU B 123 39.28 -14.44 -22.03
N ARG B 124 38.51 -14.04 -23.04
CA ARG B 124 38.78 -14.50 -24.41
C ARG B 124 40.19 -14.16 -24.90
N ARG B 125 40.77 -13.02 -24.48
CA ARG B 125 42.12 -12.70 -24.92
C ARG B 125 43.20 -13.24 -23.99
N GLY B 126 42.81 -14.13 -23.10
CA GLY B 126 43.76 -14.87 -22.29
C GLY B 126 44.27 -14.15 -21.05
N ASP B 127 43.70 -12.99 -20.69
CA ASP B 127 44.24 -12.23 -19.53
C ASP B 127 44.14 -12.92 -18.20
N TYR B 128 43.34 -13.98 -18.09
CA TYR B 128 43.24 -14.61 -16.77
C TYR B 128 44.13 -15.80 -16.61
N LEU B 129 45.05 -15.99 -17.57
CA LEU B 129 46.17 -16.94 -17.46
C LEU B 129 45.69 -18.32 -17.21
N GLY B 130 44.63 -18.72 -17.90
CA GLY B 130 44.10 -20.04 -17.67
C GLY B 130 43.26 -20.36 -16.45
N ALA B 131 43.01 -19.38 -15.57
CA ALA B 131 42.11 -19.57 -14.43
C ALA B 131 40.70 -19.85 -14.89
N THR B 132 39.95 -20.60 -14.10
CA THR B 132 38.50 -20.59 -14.25
C THR B 132 38.02 -19.17 -13.88
N VAL B 133 37.17 -18.55 -14.70
CA VAL B 133 36.67 -17.19 -14.42
C VAL B 133 35.29 -17.35 -13.81
N GLN B 134 35.10 -16.76 -12.62
CA GLN B 134 33.96 -17.08 -11.83
C GLN B 134 33.22 -15.86 -11.42
N VAL B 135 31.97 -16.05 -10.97
CA VAL B 135 31.21 -14.95 -10.45
C VAL B 135 31.99 -14.37 -9.27
N ILE B 136 32.57 -15.24 -8.46
CA ILE B 136 33.38 -14.80 -7.34
C ILE B 136 34.61 -15.59 -7.49
N PRO B 137 35.78 -14.93 -7.60
CA PRO B 137 36.02 -13.50 -7.46
C PRO B 137 35.98 -12.61 -8.69
N HIS B 138 35.87 -13.16 -9.90
CA HIS B 138 36.14 -12.32 -11.09
C HIS B 138 35.09 -11.27 -11.41
N ILE B 139 33.82 -11.64 -11.48
CA ILE B 139 32.76 -10.65 -11.65
C ILE B 139 32.71 -9.65 -10.49
N THR B 140 32.83 -10.17 -9.27
CA THR B 140 32.76 -9.29 -8.14
C THR B 140 33.99 -8.38 -8.06
N ASN B 141 35.16 -8.92 -8.35
CA ASN B 141 36.34 -8.01 -8.47
C ASN B 141 36.05 -6.88 -9.43
N ALA B 142 35.61 -7.22 -10.64
CA ALA B 142 35.32 -6.18 -11.63
C ALA B 142 34.41 -5.06 -11.07
N ILE B 143 33.38 -5.46 -10.33
CA ILE B 143 32.45 -4.54 -9.77
C ILE B 143 33.12 -3.67 -8.71
N LYS B 144 33.91 -4.29 -7.86
CA LYS B 144 34.60 -3.50 -6.85
C LYS B 144 35.49 -2.45 -7.50
N GLU B 145 36.13 -2.80 -8.61
CA GLU B 145 37.07 -1.89 -9.26
C GLU B 145 36.34 -0.70 -9.81
N ARG B 146 35.12 -0.86 -10.34
CA ARG B 146 34.49 0.35 -10.84
C ARG B 146 33.88 1.16 -9.73
N VAL B 147 33.45 0.48 -8.67
CA VAL B 147 33.00 1.24 -7.54
C VAL B 147 34.17 2.10 -7.05
N LEU B 148 35.38 1.54 -6.85
CA LEU B 148 36.52 2.38 -6.44
C LEU B 148 36.80 3.51 -7.48
N GLU B 149 36.78 3.20 -8.77
CA GLU B 149 37.04 4.25 -9.77
C GLU B 149 36.04 5.41 -9.76
N GLY B 150 34.82 5.14 -9.30
CA GLY B 150 33.77 6.16 -9.28
C GLY B 150 33.90 6.98 -8.01
N GLY B 151 34.54 6.41 -7.00
CA GLY B 151 34.64 7.09 -5.75
C GLY B 151 35.85 7.95 -5.65
N GLU B 152 36.84 7.65 -6.49
CA GLU B 152 38.14 8.30 -6.48
C GLU B 152 38.12 9.74 -6.08
N GLY B 153 38.86 10.04 -4.99
CA GLY B 153 38.96 11.39 -4.44
C GLY B 153 37.62 12.10 -4.28
N HIS B 154 36.82 11.58 -3.34
CA HIS B 154 35.60 12.21 -2.87
C HIS B 154 35.59 11.80 -1.42
N ASP B 155 34.90 12.52 -0.54
CA ASP B 155 34.97 12.18 0.87
C ASP B 155 33.93 11.12 1.14
N VAL B 156 32.78 11.29 0.50
CA VAL B 156 31.70 10.36 0.64
C VAL B 156 31.17 10.00 -0.69
N VAL B 157 30.97 8.70 -0.88
CA VAL B 157 30.43 8.21 -2.15
C VAL B 157 29.17 7.44 -1.94
N LEU B 158 28.03 7.92 -2.41
CA LEU B 158 26.80 7.08 -2.29
C LEU B 158 26.73 6.12 -3.47
N VAL B 159 26.63 4.85 -3.18
CA VAL B 159 26.62 3.88 -4.24
C VAL B 159 25.26 3.23 -4.35
N GLU B 160 24.49 3.61 -5.36
CA GLU B 160 23.09 3.16 -5.40
C GLU B 160 22.96 1.83 -6.12
N ILE B 161 22.45 0.84 -5.42
CA ILE B 161 22.28 -0.46 -6.06
C ILE B 161 20.90 -0.71 -6.63
N GLY B 162 20.84 -0.88 -7.95
CA GLY B 162 19.55 -1.13 -8.60
C GLY B 162 18.94 -2.49 -8.35
N GLY B 163 17.65 -2.63 -8.63
CA GLY B 163 16.99 -3.91 -8.38
C GLY B 163 16.56 -3.94 -6.91
N THR B 164 15.99 -5.07 -6.46
CA THR B 164 15.47 -5.19 -5.15
C THR B 164 16.13 -6.35 -4.40
N VAL B 165 16.57 -6.12 -3.15
CA VAL B 165 17.18 -7.16 -2.34
C VAL B 165 16.25 -8.37 -2.35
N GLY B 166 16.82 -9.55 -2.67
CA GLY B 166 15.96 -10.74 -2.75
C GLY B 166 15.82 -11.34 -4.15
N ASP B 167 15.94 -10.51 -5.17
CA ASP B 167 15.91 -11.02 -6.55
C ASP B 167 17.26 -11.50 -6.95
N ILE B 168 17.31 -12.19 -8.07
CA ILE B 168 18.54 -12.80 -8.57
C ILE B 168 19.49 -11.77 -9.19
N GLU B 169 18.93 -10.79 -9.89
CA GLU B 169 19.75 -9.99 -10.76
C GLU B 169 20.74 -9.13 -10.05
N SER B 170 20.60 -8.85 -8.77
CA SER B 170 21.54 -7.86 -8.20
C SER B 170 22.46 -8.48 -7.18
N LEU B 171 22.35 -9.79 -7.02
CA LEU B 171 23.18 -10.51 -6.12
C LEU B 171 24.71 -10.27 -6.24
N PRO B 172 25.26 -10.31 -7.47
CA PRO B 172 26.69 -10.02 -7.51
C PRO B 172 27.01 -8.62 -7.01
N PHE B 173 26.08 -7.67 -7.22
CA PHE B 173 26.34 -6.33 -6.75
C PHE B 173 26.41 -6.41 -5.25
N LEU B 174 25.43 -7.06 -4.64
CA LEU B 174 25.39 -7.10 -3.20
C LEU B 174 26.59 -7.86 -2.64
N GLU B 175 27.01 -8.88 -3.31
CA GLU B 175 28.15 -9.62 -2.79
C GLU B 175 29.43 -8.77 -2.93
N ALA B 176 29.56 -8.03 -4.04
CA ALA B 176 30.69 -7.15 -4.19
C ALA B 176 30.81 -6.11 -3.04
N ILE B 177 29.72 -5.38 -2.78
CA ILE B 177 29.75 -4.38 -1.75
C ILE B 177 29.93 -5.07 -0.38
N ARG B 178 29.38 -6.26 -0.19
CA ARG B 178 29.68 -6.92 1.08
C ARG B 178 31.19 -7.05 1.28
N GLN B 179 31.85 -7.59 0.27
CA GLN B 179 33.28 -7.73 0.31
C GLN B 179 34.00 -6.40 0.60
N MET B 180 33.53 -5.33 -0.06
CA MET B 180 34.18 -4.03 0.06
C MET B 180 34.14 -3.60 1.49
N ALA B 181 32.95 -3.67 2.07
CA ALA B 181 32.74 -3.31 3.48
C ALA B 181 33.70 -4.05 4.39
N VAL B 182 33.86 -5.35 4.22
CA VAL B 182 34.78 -6.02 5.12
C VAL B 182 36.21 -5.48 4.88
N GLU B 183 36.63 -5.43 3.62
CA GLU B 183 37.93 -4.91 3.23
C GLU B 183 38.16 -3.45 3.74
N ILE B 184 37.27 -2.53 3.49
CA ILE B 184 37.50 -1.17 3.83
C ILE B 184 37.26 -0.92 5.33
N GLY B 185 36.37 -1.69 5.93
CA GLY B 185 36.01 -1.59 7.34
C GLY B 185 34.77 -0.75 7.64
N ARG B 186 34.13 -0.96 8.80
CA ARG B 186 32.87 -0.29 9.12
C ARG B 186 33.08 1.12 9.55
N GLU B 187 34.34 1.45 9.74
CA GLU B 187 34.73 2.82 9.99
C GLU B 187 34.42 3.69 8.76
N HIS B 188 34.38 3.09 7.56
CA HIS B 188 34.24 3.88 6.37
C HIS B 188 33.21 3.37 5.41
N THR B 189 32.26 2.58 5.92
CA THR B 189 31.16 2.08 5.09
C THR B 189 29.88 2.00 5.88
N LEU B 190 28.78 2.35 5.23
CA LEU B 190 27.47 2.20 5.85
C LEU B 190 26.55 1.59 4.84
N PHE B 191 25.57 0.85 5.32
CA PHE B 191 24.54 0.35 4.41
C PHE B 191 23.24 1.00 4.70
N MET B 192 22.71 1.68 3.68
CA MET B 192 21.41 2.34 3.82
C MET B 192 20.33 1.56 2.99
N HIS B 193 19.33 1.02 3.66
CA HIS B 193 18.36 0.20 2.99
C HIS B 193 17.00 0.81 3.01
N LEU B 194 16.38 1.03 1.83
CA LEU B 194 14.98 1.51 1.78
C LEU B 194 14.00 0.33 1.82
N THR B 195 12.87 0.48 2.54
CA THR B 195 11.83 -0.55 2.47
C THR B 195 10.49 0.07 2.42
N LEU B 196 9.46 -0.75 2.17
CA LEU B 196 8.09 -0.24 2.09
C LEU B 196 7.36 -0.51 3.40
N VAL B 197 6.64 0.48 3.89
CA VAL B 197 5.83 0.30 5.11
C VAL B 197 4.39 0.67 4.70
N PRO B 198 3.62 -0.29 4.19
CA PRO B 198 2.28 -0.03 3.65
C PRO B 198 1.20 0.20 4.70
N TYR B 199 0.23 1.05 4.40
CA TYR B 199 -0.89 1.34 5.26
C TYR B 199 -2.01 0.35 4.97
N MET B 200 -2.57 -0.25 6.01
CA MET B 200 -3.71 -1.20 5.84
C MET B 200 -5.00 -0.52 6.30
N ALA B 201 -5.96 -0.31 5.38
CA ALA B 201 -7.19 0.38 5.76
C ALA B 201 -7.99 -0.39 6.87
N ALA B 202 -8.22 -1.68 6.67
CA ALA B 202 -8.94 -2.49 7.66
C ALA B 202 -8.46 -2.21 9.07
N SER B 203 -7.16 -2.18 9.29
CA SER B 203 -6.66 -1.99 10.64
C SER B 203 -6.27 -0.52 11.01
N GLY B 204 -6.25 0.37 10.03
CA GLY B 204 -5.75 1.72 10.28
C GLY B 204 -4.30 1.86 10.76
N GLU B 205 -3.41 0.93 10.42
CA GLU B 205 -1.99 1.10 10.78
C GLU B 205 -1.05 0.83 9.61
N VAL B 206 0.16 1.40 9.66
CA VAL B 206 1.19 1.05 8.71
C VAL B 206 1.90 -0.23 9.22
N LYS B 207 2.49 -0.99 8.31
CA LYS B 207 2.97 -2.34 8.66
C LYS B 207 4.49 -2.52 8.56
N THR B 208 5.09 -3.03 9.62
CA THR B 208 6.54 -3.21 9.65
C THR B 208 6.97 -4.56 9.13
N LYS B 209 6.02 -5.46 8.89
CA LYS B 209 6.41 -6.81 8.53
C LYS B 209 7.28 -6.87 7.29
N PRO B 210 6.89 -6.18 6.22
CA PRO B 210 7.78 -6.31 5.06
C PRO B 210 9.22 -5.85 5.31
N THR B 211 9.38 -4.77 6.09
CA THR B 211 10.71 -4.30 6.54
C THR B 211 11.40 -5.40 7.30
N GLN B 212 10.76 -5.95 8.33
CA GLN B 212 11.37 -7.12 9.02
C GLN B 212 11.86 -8.18 8.06
N HIS B 213 11.01 -8.65 7.16
CA HIS B 213 11.40 -9.70 6.21
C HIS B 213 12.43 -9.26 5.18
N SER B 214 12.27 -8.07 4.61
CA SER B 214 13.32 -7.56 3.74
C SER B 214 14.70 -7.55 4.47
N VAL B 215 14.77 -7.08 5.72
CA VAL B 215 16.07 -7.02 6.40
C VAL B 215 16.64 -8.43 6.61
N LYS B 216 15.78 -9.41 6.84
CA LYS B 216 16.28 -10.79 6.96
C LYS B 216 16.86 -11.27 5.61
N GLU B 217 16.19 -10.92 4.48
CA GLU B 217 16.75 -11.26 3.13
C GLU B 217 18.11 -10.61 2.94
N LEU B 218 18.20 -9.32 3.29
CA LEU B 218 19.45 -8.61 3.16
C LEU B 218 20.52 -9.25 4.04
N LEU B 219 20.20 -9.51 5.31
CA LEU B 219 21.14 -10.30 6.17
C LEU B 219 21.54 -11.65 5.59
N SER B 220 20.60 -12.36 4.97
CA SER B 220 20.94 -13.68 4.44
C SER B 220 21.97 -13.59 3.28
N ILE B 221 22.08 -12.41 2.71
CA ILE B 221 23.07 -12.17 1.69
C ILE B 221 24.37 -11.71 2.35
N GLY B 222 24.33 -11.49 3.67
CA GLY B 222 25.55 -11.16 4.42
C GLY B 222 25.75 -9.70 4.73
N ILE B 223 24.68 -8.92 4.56
CA ILE B 223 24.72 -7.51 4.85
C ILE B 223 23.73 -7.12 5.93
N GLN B 224 24.29 -6.52 6.98
CA GLN B 224 23.52 -5.94 8.09
C GLN B 224 23.19 -4.45 7.78
N PRO B 225 21.94 -4.14 7.47
CA PRO B 225 21.84 -2.70 7.18
C PRO B 225 22.18 -1.88 8.46
N ASP B 226 22.72 -0.67 8.29
CA ASP B 226 23.01 0.29 9.39
C ASP B 226 21.90 1.34 9.54
N ILE B 227 21.27 1.69 8.41
CA ILE B 227 20.21 2.68 8.39
C ILE B 227 18.99 2.18 7.60
N LEU B 228 17.80 2.41 8.13
CA LEU B 228 16.58 2.00 7.46
C LEU B 228 15.76 3.20 7.05
N ILE B 229 15.50 3.35 5.76
CA ILE B 229 14.66 4.42 5.30
C ILE B 229 13.29 3.82 4.96
N CYS B 230 12.30 4.22 5.73
CA CYS B 230 10.94 3.71 5.69
C CYS B 230 10.02 4.52 4.79
N ARG B 231 9.72 3.97 3.62
CA ARG B 231 8.82 4.56 2.66
C ARG B 231 7.38 4.21 2.95
N SER B 232 6.58 5.25 3.04
CA SER B 232 5.17 5.08 3.23
C SER B 232 4.44 6.27 2.64
N ASP B 233 3.11 6.24 2.65
CA ASP B 233 2.35 7.35 2.10
C ASP B 233 1.95 8.34 3.17
N ARG B 234 2.68 8.32 4.28
CA ARG B 234 2.40 9.08 5.51
C ARG B 234 3.56 8.72 6.41
N ALA B 235 3.76 9.49 7.47
CA ALA B 235 4.91 9.30 8.33
C ALA B 235 4.80 8.00 9.06
N VAL B 236 5.97 7.44 9.41
CA VAL B 236 5.99 6.22 10.14
C VAL B 236 6.13 6.59 11.59
N PRO B 237 5.10 6.33 12.36
CA PRO B 237 5.13 6.74 13.80
C PRO B 237 6.24 6.07 14.61
N ALA B 238 6.49 6.64 15.77
CA ALA B 238 7.54 6.18 16.70
C ALA B 238 7.37 4.71 17.11
N ASN B 239 6.13 4.29 17.37
CA ASN B 239 5.86 2.94 17.78
C ASN B 239 6.45 1.98 16.76
N GLU B 240 6.07 2.16 15.49
CA GLU B 240 6.54 1.24 14.46
C GLU B 240 8.03 1.36 14.10
N ARG B 241 8.58 2.56 14.22
CA ARG B 241 10.01 2.77 14.04
C ARG B 241 10.78 1.95 15.08
N ALA B 242 10.28 1.95 16.29
CA ALA B 242 10.92 1.19 17.42
C ALA B 242 10.83 -0.30 17.22
N LYS B 243 9.67 -0.75 16.73
CA LYS B 243 9.47 -2.15 16.33
C LYS B 243 10.48 -2.59 15.22
N ILE B 244 10.61 -1.81 14.17
CA ILE B 244 11.63 -2.05 13.18
C ILE B 244 13.03 -2.13 13.81
N ALA B 245 13.40 -1.16 14.64
CA ALA B 245 14.72 -1.25 15.33
C ALA B 245 14.92 -2.57 16.11
N LEU B 246 13.94 -2.89 16.93
CA LEU B 246 13.89 -4.15 17.68
C LEU B 246 14.16 -5.37 16.84
N PHE B 247 13.51 -5.46 15.69
CA PHE B 247 13.69 -6.63 14.84
C PHE B 247 14.86 -6.58 13.83
N CYS B 248 15.39 -5.41 13.53
CA CYS B 248 16.44 -5.33 12.53
C CYS B 248 17.86 -5.06 13.04
N ASN B 249 18.06 -5.12 14.36
CA ASN B 249 19.35 -4.85 15.00
C ASN B 249 19.87 -3.49 14.65
N VAL B 250 19.00 -2.49 14.52
CA VAL B 250 19.39 -1.12 14.18
C VAL B 250 18.93 -0.22 15.32
N PRO B 251 19.74 0.77 15.70
CA PRO B 251 19.24 1.61 16.80
C PRO B 251 18.08 2.48 16.30
N GLU B 252 17.15 2.82 17.17
CA GLU B 252 15.95 3.60 16.82
C GLU B 252 16.23 4.83 15.94
N LYS B 253 17.28 5.52 16.27
CA LYS B 253 17.62 6.77 15.61
C LYS B 253 18.13 6.54 14.20
N ALA B 254 18.40 5.30 13.81
CA ALA B 254 18.80 5.05 12.44
C ALA B 254 17.63 4.52 11.61
N VAL B 255 16.41 4.61 12.14
CA VAL B 255 15.26 4.18 11.42
C VAL B 255 14.58 5.44 11.07
N ILE B 256 14.67 5.85 9.79
CA ILE B 256 14.23 7.14 9.30
C ILE B 256 12.90 7.02 8.52
N SER B 257 11.98 7.94 8.77
CA SER B 257 10.75 7.90 8.04
C SER B 257 10.86 8.75 6.75
N LEU B 258 10.37 8.23 5.60
CA LEU B 258 10.34 9.04 4.37
C LEU B 258 8.99 8.96 3.67
N LYS B 259 8.06 9.81 4.09
CA LYS B 259 6.73 9.78 3.55
C LYS B 259 6.68 10.34 2.11
N ASP B 260 5.60 10.04 1.40
CA ASP B 260 5.31 10.65 0.12
C ASP B 260 5.17 12.18 0.33
N VAL B 261 5.96 13.00 -0.33
CA VAL B 261 5.84 14.42 -0.10
C VAL B 261 5.37 15.03 -1.38
N ASP B 262 4.84 16.26 -1.27
CA ASP B 262 4.33 16.98 -2.43
C ASP B 262 5.42 17.63 -3.24
N SER B 263 6.66 17.62 -2.72
CA SER B 263 7.75 18.28 -3.41
C SER B 263 9.08 17.69 -3.03
N ILE B 264 9.78 17.16 -4.01
CA ILE B 264 11.05 16.51 -3.74
C ILE B 264 12.07 17.43 -3.10
N TYR B 265 11.92 18.73 -3.32
CA TYR B 265 12.85 19.66 -2.77
C TYR B 265 12.81 19.65 -1.24
N LYS B 266 11.72 19.15 -0.65
CA LYS B 266 11.66 19.07 0.81
C LYS B 266 12.42 17.87 1.41
N ILE B 267 12.84 16.94 0.56
CA ILE B 267 13.36 15.71 1.09
C ILE B 267 14.63 15.93 1.89
N PRO B 268 15.58 16.73 1.38
CA PRO B 268 16.78 16.96 2.23
C PRO B 268 16.45 17.48 3.61
N GLY B 269 15.55 18.46 3.71
CA GLY B 269 15.21 18.99 5.02
C GLY B 269 14.49 17.96 5.92
N LEU B 270 13.77 17.03 5.29
CA LEU B 270 13.02 16.04 6.02
C LEU B 270 13.99 15.03 6.65
N LEU B 271 15.01 14.68 5.87
CA LEU B 271 15.97 13.71 6.35
C LEU B 271 16.85 14.39 7.39
N LYS B 272 17.20 15.65 7.13
CA LYS B 272 18.03 16.34 8.08
C LYS B 272 17.30 16.46 9.42
N SER B 273 16.03 16.78 9.37
CA SER B 273 15.36 16.97 10.60
C SER B 273 15.26 15.69 11.40
N GLN B 274 15.75 14.58 10.89
CA GLN B 274 15.67 13.38 11.70
C GLN B 274 17.03 12.83 12.00
N GLY B 275 18.07 13.64 11.77
CA GLY B 275 19.39 13.25 12.16
C GLY B 275 20.17 12.40 11.20
N LEU B 276 19.60 12.11 10.03
CA LEU B 276 20.27 11.16 9.14
C LEU B 276 21.72 11.53 8.88
N ASP B 277 21.96 12.76 8.42
CA ASP B 277 23.35 13.18 8.18
C ASP B 277 24.18 13.28 9.46
N ASP B 278 23.57 13.65 10.58
CA ASP B 278 24.37 13.61 11.84
C ASP B 278 24.83 12.21 12.09
N TYR B 279 23.94 11.26 11.86
CA TYR B 279 24.24 9.89 12.19
C TYR B 279 25.39 9.39 11.29
N ILE B 280 25.32 9.72 10.01
CA ILE B 280 26.38 9.43 9.05
C ILE B 280 27.73 10.08 9.39
N CYS B 281 27.74 11.37 9.65
CA CYS B 281 29.01 12.05 10.01
C CYS B 281 29.64 11.44 11.28
N LYS B 282 28.81 11.09 12.24
CA LYS B 282 29.34 10.44 13.44
C LYS B 282 29.99 9.10 13.08
N ARG B 283 29.28 8.23 12.36
CA ARG B 283 29.84 6.94 11.93
C ARG B 283 31.11 7.10 11.10
N PHE B 284 31.13 8.00 10.13
CA PHE B 284 32.35 8.22 9.39
C PHE B 284 33.37 9.17 10.08
N SER B 285 33.09 9.65 11.31
CA SER B 285 33.97 10.58 12.06
C SER B 285 34.37 11.84 11.32
N LEU B 286 33.39 12.59 10.84
CA LEU B 286 33.66 13.82 10.13
C LEU B 286 33.19 14.95 11.02
N ASN B 287 34.05 15.94 11.29
CA ASN B 287 33.56 17.19 11.87
C ASN B 287 33.18 17.95 10.65
N ALA B 288 31.95 18.38 10.58
CA ALA B 288 31.53 19.15 9.44
C ALA B 288 30.44 20.06 9.97
N PRO B 289 30.37 21.26 9.45
CA PRO B 289 29.33 22.11 10.06
C PRO B 289 27.93 21.62 9.72
N GLU B 290 26.97 22.05 10.51
CA GLU B 290 25.60 21.73 10.24
C GLU B 290 25.23 22.09 8.81
N ALA B 291 24.43 21.24 8.18
CA ALA B 291 24.01 21.49 6.81
C ALA B 291 23.28 22.78 6.76
N ASN B 292 23.67 23.63 5.82
CA ASN B 292 22.92 24.85 5.55
C ASN B 292 21.96 24.63 4.36
N LEU B 293 20.66 24.53 4.61
CA LEU B 293 19.71 24.17 3.50
C LEU B 293 19.01 25.37 2.81
N SER B 294 19.63 26.53 2.91
CA SER B 294 19.08 27.78 2.38
C SER B 294 18.67 27.71 0.94
N GLU B 295 19.55 27.14 0.09
CA GLU B 295 19.16 27.05 -1.33
C GLU B 295 17.90 26.23 -1.54
N TRP B 296 17.74 25.15 -0.75
CA TRP B 296 16.55 24.29 -0.84
C TRP B 296 15.38 25.02 -0.32
N GLU B 297 15.54 25.68 0.83
CA GLU B 297 14.40 26.41 1.39
C GLU B 297 13.92 27.48 0.44
N GLN B 298 14.86 28.10 -0.24
CA GLN B 298 14.54 29.07 -1.24
C GLN B 298 13.76 28.47 -2.38
N VAL B 299 14.21 27.31 -2.90
CA VAL B 299 13.54 26.66 -4.01
C VAL B 299 12.12 26.29 -3.56
N ILE B 300 12.01 25.83 -2.31
CA ILE B 300 10.74 25.40 -1.81
C ILE B 300 9.79 26.58 -1.71
N PHE B 301 10.36 27.71 -1.29
CA PHE B 301 9.59 28.94 -1.08
C PHE B 301 9.05 29.46 -2.40
N GLU B 302 9.94 29.46 -3.39
CA GLU B 302 9.60 29.85 -4.75
C GLU B 302 8.48 29.00 -5.23
N GLU B 303 8.62 27.68 -5.08
CA GLU B 303 7.62 26.75 -5.57
C GLU B 303 6.26 27.01 -4.94
N ALA B 304 6.28 27.31 -3.65
CA ALA B 304 5.07 27.51 -2.86
C ALA B 304 4.39 28.84 -3.14
N ASN B 305 5.03 29.73 -3.88
CA ASN B 305 4.48 31.06 -3.95
C ASN B 305 4.44 31.58 -5.35
N PRO B 306 3.68 30.87 -6.19
CA PRO B 306 3.61 31.33 -7.56
C PRO B 306 2.74 32.59 -7.58
N VAL B 307 2.96 33.41 -8.59
CA VAL B 307 2.25 34.63 -8.80
C VAL B 307 1.21 34.39 -9.85
N SER B 308 1.51 33.56 -10.83
CA SER B 308 0.49 33.19 -11.81
C SER B 308 0.61 31.75 -12.33
N GLU B 309 -0.23 31.40 -13.29
CA GLU B 309 -0.33 30.03 -13.80
C GLU B 309 -0.27 29.93 -15.33
N VAL B 310 0.39 28.93 -15.86
CA VAL B 310 0.29 28.71 -17.29
C VAL B 310 -0.02 27.26 -17.59
N THR B 311 -0.29 26.97 -18.84
CA THR B 311 -0.51 25.60 -19.24
C THR B 311 0.30 25.36 -20.48
N ILE B 312 1.28 24.47 -20.33
CA ILE B 312 2.17 24.14 -21.43
C ILE B 312 1.88 22.73 -21.92
N GLY B 313 1.79 22.60 -23.24
CA GLY B 313 1.46 21.32 -23.83
C GLY B 313 2.75 20.69 -24.25
N MET B 314 2.99 19.48 -23.76
CA MET B 314 4.14 18.70 -24.21
C MET B 314 3.59 17.68 -25.18
N VAL B 315 4.09 17.76 -26.41
CA VAL B 315 3.52 17.00 -27.53
C VAL B 315 4.54 16.10 -28.23
N GLY B 316 4.40 14.81 -27.95
CA GLY B 316 5.37 13.80 -28.38
C GLY B 316 4.78 12.39 -28.36
N LYS B 317 5.61 11.43 -28.75
CA LYS B 317 5.19 10.04 -28.97
C LYS B 317 5.33 9.08 -27.81
N TYR B 318 5.79 9.57 -26.66
CA TYR B 318 6.04 8.67 -25.56
C TYR B 318 5.32 9.03 -24.32
N ILE B 319 4.29 9.82 -24.44
CA ILE B 319 3.62 10.30 -23.26
C ILE B 319 2.93 9.20 -22.42
N GLU B 320 3.03 7.94 -22.82
CA GLU B 320 2.36 6.90 -22.03
C GLU B 320 3.19 6.58 -20.80
N LEU B 321 4.50 6.78 -20.91
CA LEU B 321 5.41 6.77 -19.74
C LEU B 321 6.17 8.11 -19.65
N PRO B 322 5.63 9.06 -18.86
CA PRO B 322 6.18 10.41 -18.70
C PRO B 322 7.66 10.43 -18.37
N ASP B 323 8.17 9.46 -17.64
CA ASP B 323 9.61 9.45 -17.38
C ASP B 323 10.42 9.46 -18.66
N ALA B 324 9.76 9.31 -19.81
CA ALA B 324 10.50 9.34 -21.05
C ALA B 324 11.03 10.76 -21.25
N TYR B 325 10.45 11.67 -20.47
CA TYR B 325 10.67 13.09 -20.56
C TYR B 325 11.08 13.70 -19.20
N LYS B 326 11.61 12.85 -18.32
CA LYS B 326 11.90 13.24 -16.96
C LYS B 326 12.59 14.60 -16.84
N SER B 327 13.73 14.77 -17.49
CA SER B 327 14.51 16.01 -17.34
C SER B 327 13.84 17.23 -17.97
N VAL B 328 12.98 17.01 -18.98
CA VAL B 328 12.25 18.09 -19.63
C VAL B 328 11.21 18.64 -18.69
N ILE B 329 10.44 17.73 -18.11
CA ILE B 329 9.43 18.07 -17.15
C ILE B 329 10.04 18.81 -15.95
N GLU B 330 11.18 18.36 -15.47
CA GLU B 330 11.82 19.11 -14.42
C GLU B 330 12.32 20.48 -14.88
N ALA B 331 12.86 20.62 -16.11
CA ALA B 331 13.36 21.92 -16.60
C ALA B 331 12.24 22.92 -16.65
N LEU B 332 11.07 22.45 -17.05
CA LEU B 332 9.90 23.27 -17.08
C LEU B 332 9.55 23.73 -15.68
N LYS B 333 9.59 22.79 -14.76
CA LYS B 333 9.32 23.10 -13.36
C LYS B 333 10.32 24.18 -12.86
N HIS B 334 11.60 24.08 -13.24
CA HIS B 334 12.57 25.11 -12.86
C HIS B 334 12.31 26.44 -13.54
N GLY B 335 11.84 26.39 -14.78
CA GLY B 335 11.39 27.60 -15.47
C GLY B 335 10.28 28.22 -14.64
N GLY B 336 9.38 27.42 -14.08
CA GLY B 336 8.32 27.96 -13.22
C GLY B 336 8.88 28.75 -12.03
N LEU B 337 9.79 28.11 -11.31
CA LEU B 337 10.50 28.69 -10.18
C LEU B 337 11.15 30.01 -10.50
N LYS B 338 11.88 30.09 -11.63
CA LYS B 338 12.56 31.35 -11.99
C LYS B 338 11.61 32.51 -12.39
N ASN B 339 10.33 32.22 -12.62
CA ASN B 339 9.37 33.23 -13.04
C ASN B 339 8.22 33.32 -12.06
N ARG B 340 8.29 32.57 -10.96
CA ARG B 340 7.16 32.45 -10.02
C ARG B 340 5.88 32.17 -10.76
N VAL B 341 6.00 31.23 -11.71
CA VAL B 341 4.88 30.73 -12.49
C VAL B 341 4.73 29.22 -12.26
N SER B 342 3.52 28.84 -11.91
CA SER B 342 3.14 27.47 -11.70
C SER B 342 2.80 26.91 -13.08
N VAL B 343 3.61 25.97 -13.55
CA VAL B 343 3.40 25.34 -14.84
C VAL B 343 2.51 24.07 -14.78
N ASN B 344 1.37 24.09 -15.46
CA ASN B 344 0.55 22.90 -15.58
C ASN B 344 0.99 22.25 -16.83
N ILE B 345 1.69 21.12 -16.72
CA ILE B 345 2.17 20.44 -17.90
C ILE B 345 1.08 19.50 -18.45
N LYS B 346 0.63 19.71 -19.68
CA LYS B 346 -0.37 18.78 -20.19
C LYS B 346 0.26 17.95 -21.31
N LEU B 347 0.32 16.64 -21.06
CA LEU B 347 0.92 15.71 -22.02
C LEU B 347 -0.03 15.40 -23.14
N ILE B 348 0.44 15.51 -24.37
CA ILE B 348 -0.43 15.27 -25.50
C ILE B 348 0.23 14.35 -26.50
N ASP B 349 -0.49 13.27 -26.81
CA ASP B 349 -0.04 12.28 -27.78
C ASP B 349 0.04 12.92 -29.15
N SER B 350 1.22 12.94 -29.77
CA SER B 350 1.35 13.67 -31.02
C SER B 350 0.70 12.88 -32.14
N GLN B 351 0.33 11.65 -31.84
CA GLN B 351 -0.32 10.88 -32.85
C GLN B 351 -1.79 11.19 -32.89
N ASP B 352 -2.38 11.56 -31.75
CA ASP B 352 -3.78 12.07 -31.71
C ASP B 352 -4.01 13.35 -32.52
N VAL B 353 -2.94 14.08 -32.79
CA VAL B 353 -3.00 15.23 -33.65
C VAL B 353 -3.30 14.73 -35.08
N GLU B 354 -2.56 13.71 -35.52
CA GLU B 354 -2.79 13.07 -36.82
C GLU B 354 -4.26 12.60 -36.97
N THR B 355 -4.77 11.91 -35.96
CA THR B 355 -6.16 11.47 -35.94
C THR B 355 -7.11 12.63 -35.72
N ARG B 356 -7.11 13.20 -34.52
CA ARG B 356 -8.14 14.17 -34.11
C ARG B 356 -7.91 15.63 -34.54
N GLY B 357 -6.83 15.89 -35.30
CA GLY B 357 -6.51 17.26 -35.74
C GLY B 357 -6.06 18.26 -34.64
N VAL B 358 -5.77 19.49 -35.08
CA VAL B 358 -5.26 20.60 -34.27
C VAL B 358 -6.19 20.97 -33.08
N GLU B 359 -7.44 20.54 -33.17
CA GLU B 359 -8.42 20.67 -32.11
C GLU B 359 -7.85 20.47 -30.69
N ILE B 360 -7.15 19.36 -30.47
CA ILE B 360 -6.69 19.00 -29.12
C ILE B 360 -5.52 19.85 -28.60
N LEU B 361 -5.13 20.87 -29.35
CA LEU B 361 -4.14 21.84 -28.93
C LEU B 361 -4.78 23.12 -28.42
N LYS B 362 -6.11 23.17 -28.44
CA LYS B 362 -6.89 24.31 -27.98
C LYS B 362 -6.65 24.52 -26.49
N GLY B 363 -6.33 25.75 -26.09
CA GLY B 363 -6.29 26.05 -24.67
C GLY B 363 -4.92 25.99 -24.05
N LEU B 364 -3.89 26.30 -24.86
CA LEU B 364 -2.48 26.19 -24.45
C LEU B 364 -1.71 27.52 -24.46
N ASP B 365 -0.87 27.75 -23.45
CA ASP B 365 -0.13 29.03 -23.37
C ASP B 365 1.23 28.89 -23.94
N ALA B 366 1.63 27.65 -24.22
CA ALA B 366 2.91 27.38 -24.92
C ALA B 366 2.95 25.94 -25.35
N ILE B 367 3.95 25.63 -26.18
CA ILE B 367 4.00 24.28 -26.70
C ILE B 367 5.43 23.80 -26.78
N LEU B 368 5.66 22.63 -26.16
CA LEU B 368 6.97 21.99 -26.25
C LEU B 368 6.88 20.64 -26.97
N VAL B 369 7.75 20.50 -27.98
CA VAL B 369 7.91 19.25 -28.69
C VAL B 369 9.30 18.73 -28.40
N PRO B 370 9.35 17.62 -27.64
CA PRO B 370 10.56 16.95 -27.11
C PRO B 370 11.22 16.10 -28.15
N GLY B 371 12.24 15.35 -27.74
CA GLY B 371 12.94 14.47 -28.68
C GLY B 371 12.29 13.11 -28.95
N GLY B 372 12.81 12.40 -29.96
CA GLY B 372 12.31 11.05 -30.27
C GLY B 372 12.97 10.37 -31.46
N PHE B 373 12.57 9.11 -31.69
CA PHE B 373 13.10 8.30 -32.78
C PHE B 373 11.93 7.68 -33.47
N GLY B 374 12.07 7.38 -34.76
CA GLY B 374 11.03 6.64 -35.49
C GLY B 374 9.86 7.48 -35.98
N TYR B 375 9.41 7.20 -37.21
CA TYR B 375 8.36 8.00 -37.84
C TYR B 375 7.04 8.02 -37.08
N ARG B 376 6.64 6.94 -36.41
CA ARG B 376 5.31 6.99 -35.78
C ARG B 376 5.08 8.25 -34.90
N GLY B 377 4.09 9.08 -35.23
CA GLY B 377 3.74 10.27 -34.45
C GLY B 377 4.49 11.57 -34.86
N VAL B 378 5.48 11.45 -35.74
CA VAL B 378 6.21 12.63 -36.22
C VAL B 378 5.40 13.60 -37.10
N GLU B 379 4.46 13.11 -37.88
CA GLU B 379 3.67 14.02 -38.73
C GLU B 379 2.77 14.91 -37.84
N GLY B 380 2.29 14.34 -36.73
CA GLY B 380 1.54 15.11 -35.72
C GLY B 380 2.36 16.22 -35.07
N MET B 381 3.69 16.03 -34.97
CA MET B 381 4.56 17.01 -34.43
C MET B 381 4.79 18.12 -35.43
N ILE B 382 5.03 17.76 -36.68
CA ILE B 382 5.19 18.75 -37.74
C ILE B 382 3.99 19.71 -37.79
N THR B 383 2.80 19.13 -37.79
CA THR B 383 1.53 19.83 -37.69
C THR B 383 1.50 20.73 -36.45
N THR B 384 1.91 20.15 -35.31
CA THR B 384 1.96 20.87 -34.04
C THR B 384 2.92 22.05 -34.15
N ALA B 385 4.09 21.84 -34.74
CA ALA B 385 5.01 22.94 -34.93
C ALA B 385 4.37 24.05 -35.78
N ARG B 386 3.51 23.65 -36.69
CA ARG B 386 2.87 24.55 -37.60
C ARG B 386 1.90 25.45 -36.86
N PHE B 387 0.87 24.81 -36.29
CA PHE B 387 -0.15 25.45 -35.45
C PHE B 387 0.40 26.46 -34.49
N ALA B 388 1.54 26.16 -33.90
CA ALA B 388 2.16 27.07 -32.97
C ALA B 388 2.85 28.25 -33.66
N ARG B 389 3.40 28.03 -34.85
CA ARG B 389 4.01 29.13 -35.58
C ARG B 389 2.92 30.05 -36.16
N GLU B 390 1.78 29.48 -36.55
CA GLU B 390 0.76 30.26 -37.25
C GLU B 390 -0.08 31.08 -36.33
N ASN B 391 -0.44 30.49 -35.20
CA ASN B 391 -1.24 31.19 -34.21
C ASN B 391 -0.37 31.95 -33.20
N ASN B 392 0.92 32.04 -33.46
CA ASN B 392 1.79 32.79 -32.57
C ASN B 392 1.85 32.35 -31.07
N ILE B 393 1.54 31.07 -30.81
CA ILE B 393 1.65 30.37 -29.52
C ILE B 393 3.12 30.05 -29.26
N PRO B 394 3.71 30.44 -28.12
CA PRO B 394 5.18 30.21 -28.00
C PRO B 394 5.64 28.71 -28.02
N TYR B 395 6.77 28.47 -28.65
CA TYR B 395 7.18 27.12 -29.00
C TYR B 395 8.63 26.84 -28.67
N LEU B 396 8.87 25.69 -28.04
CA LEU B 396 10.22 25.24 -27.78
C LEU B 396 10.35 23.86 -28.40
N GLY B 397 11.34 23.69 -29.28
CA GLY B 397 11.54 22.40 -29.86
C GLY B 397 12.92 21.83 -29.57
N ILE B 398 12.89 20.65 -28.96
CA ILE B 398 14.15 20.00 -28.55
C ILE B 398 14.41 18.78 -29.43
N CYS B 399 15.56 18.84 -30.10
CA CYS B 399 16.09 17.80 -30.99
C CYS B 399 15.09 17.46 -32.14
N LEU B 400 14.39 16.33 -31.99
CA LEU B 400 13.33 16.00 -32.89
C LEU B 400 12.42 17.20 -33.05
N GLY B 401 12.00 17.79 -31.95
CA GLY B 401 11.12 18.97 -31.99
C GLY B 401 11.73 20.18 -32.69
N MET B 402 13.06 20.21 -32.86
CA MET B 402 13.67 21.21 -33.72
C MET B 402 13.71 20.74 -35.16
N GLN B 403 13.84 19.43 -35.32
CA GLN B 403 13.83 18.88 -36.64
C GLN B 403 12.43 19.02 -37.24
N VAL B 404 11.37 18.62 -36.53
CA VAL B 404 10.00 18.71 -37.10
C VAL B 404 9.62 20.14 -37.39
N ALA B 405 10.35 21.09 -36.82
CA ALA B 405 10.03 22.51 -37.00
C ALA B 405 10.71 23.03 -38.24
N LEU B 406 11.92 22.53 -38.55
CA LEU B 406 12.57 22.86 -39.78
C LEU B 406 11.63 22.32 -40.89
N ILE B 407 11.27 21.05 -40.78
CA ILE B 407 10.35 20.40 -41.68
C ILE B 407 9.09 21.21 -41.90
N ASP B 408 8.44 21.67 -40.82
CA ASP B 408 7.23 22.52 -40.92
C ASP B 408 7.47 23.78 -41.75
N TYR B 409 8.58 24.46 -41.48
CA TYR B 409 8.87 25.73 -42.12
C TYR B 409 9.12 25.56 -43.61
N ALA B 410 9.96 24.61 -43.96
CA ALA B 410 10.23 24.28 -45.37
C ALA B 410 8.95 23.98 -46.16
N ARG B 411 8.16 23.03 -45.68
CA ARG B 411 6.90 22.64 -46.34
C ARG B 411 5.95 23.83 -46.51
N HIS B 412 5.82 24.63 -45.47
CA HIS B 412 4.78 25.62 -45.46
C HIS B 412 5.19 27.07 -45.67
N VAL B 413 6.48 27.38 -45.78
CA VAL B 413 6.92 28.77 -45.96
C VAL B 413 7.96 28.88 -47.07
N ALA B 414 8.88 27.92 -47.15
CA ALA B 414 9.83 27.91 -48.28
C ALA B 414 9.28 27.04 -49.41
N ASN B 415 8.01 26.64 -49.22
CA ASN B 415 7.19 25.80 -50.13
C ASN B 415 7.88 24.63 -50.82
N MET B 416 8.73 23.93 -50.06
CA MET B 416 9.38 22.72 -50.52
C MET B 416 8.47 21.53 -50.19
N GLU B 417 7.51 21.24 -51.06
CA GLU B 417 6.47 20.20 -50.85
C GLU B 417 7.03 18.88 -50.27
N ASN B 418 6.32 18.31 -49.31
CA ASN B 418 6.70 17.00 -48.83
C ASN B 418 8.05 16.83 -48.12
N ALA B 419 8.75 17.94 -47.83
CA ALA B 419 10.10 17.91 -47.20
C ALA B 419 10.12 17.09 -45.94
N ASN B 420 11.27 16.50 -45.65
CA ASN B 420 11.32 15.54 -44.55
C ASN B 420 12.75 15.18 -44.15
N SER B 421 12.84 14.24 -43.22
CA SER B 421 14.11 13.75 -42.75
C SER B 421 14.37 12.35 -43.28
N THR B 422 15.60 12.14 -43.75
CA THR B 422 15.98 10.83 -44.25
C THR B 422 15.69 9.70 -43.26
N GLU B 423 15.73 10.01 -41.96
CA GLU B 423 15.31 9.04 -40.94
C GLU B 423 13.90 8.48 -41.23
N PHE B 424 13.04 9.20 -41.93
CA PHE B 424 11.66 8.76 -42.01
C PHE B 424 11.22 8.38 -43.40
N VAL B 425 11.47 9.22 -44.41
CA VAL B 425 11.37 8.78 -45.80
C VAL B 425 12.73 9.08 -46.45
N PRO B 426 13.57 8.03 -46.55
CA PRO B 426 14.99 8.14 -46.98
C PRO B 426 15.22 8.75 -48.36
N ASP B 427 14.21 8.64 -49.21
CA ASP B 427 14.31 8.99 -50.65
C ASP B 427 13.49 10.22 -51.09
N CYS B 428 12.99 11.00 -50.13
CA CYS B 428 12.19 12.22 -50.38
C CYS B 428 12.93 13.31 -51.18
N LYS B 429 12.18 14.18 -51.83
CA LYS B 429 12.80 15.17 -52.72
C LYS B 429 13.63 16.21 -51.98
N TYR B 430 13.10 16.69 -50.86
CA TYR B 430 13.79 17.65 -50.01
C TYR B 430 14.08 17.05 -48.62
N PRO B 431 15.22 16.36 -48.49
CA PRO B 431 15.64 15.84 -47.23
C PRO B 431 16.27 16.97 -46.42
N VAL B 432 15.44 17.73 -45.69
CA VAL B 432 15.94 18.93 -44.97
C VAL B 432 16.75 18.55 -43.75
N VAL B 433 16.44 17.37 -43.21
CA VAL B 433 17.19 16.80 -42.11
C VAL B 433 17.71 15.44 -42.56
N ALA B 434 19.02 15.23 -42.45
CA ALA B 434 19.60 13.97 -42.91
C ALA B 434 20.95 13.79 -42.29
N LEU B 435 21.47 12.56 -42.34
CA LEU B 435 22.83 12.30 -41.87
C LEU B 435 23.74 13.12 -42.73
N ILE B 436 24.84 13.61 -42.15
CA ILE B 436 25.76 14.43 -42.89
C ILE B 436 26.16 13.80 -44.23
N THR B 437 26.36 12.48 -44.25
CA THR B 437 26.86 11.86 -45.49
C THR B 437 25.73 11.33 -46.36
N GLU B 438 24.49 11.64 -46.01
CA GLU B 438 23.39 11.38 -46.92
C GLU B 438 23.02 12.66 -47.67
N TRP B 439 23.62 13.79 -47.26
CA TRP B 439 23.23 15.13 -47.76
C TRP B 439 23.18 15.20 -49.26
N ARG B 440 22.05 15.71 -49.76
CA ARG B 440 21.85 15.91 -51.17
C ARG B 440 20.88 17.07 -51.39
N ASP B 441 20.85 17.52 -52.66
CA ASP B 441 19.98 18.57 -53.27
C ASP B 441 18.54 18.08 -53.55
N GLU B 442 17.71 18.97 -54.10
CA GLU B 442 16.40 18.52 -54.63
C GLU B 442 16.59 17.90 -56.03
N ASN B 443 17.77 18.17 -56.62
CA ASN B 443 18.18 17.64 -57.92
C ASN B 443 19.02 16.39 -57.80
N GLY B 444 19.60 16.15 -56.63
CA GLY B 444 20.36 14.93 -56.39
C GLY B 444 21.85 15.18 -56.26
N ASN B 445 22.26 16.43 -56.34
CA ASN B 445 23.69 16.77 -56.25
C ASN B 445 24.23 16.78 -54.82
N VAL B 446 25.54 16.72 -54.69
CA VAL B 446 26.16 16.49 -53.38
C VAL B 446 27.37 17.43 -53.25
N GLU B 447 28.06 17.43 -52.11
CA GLU B 447 29.26 18.30 -51.97
C GLU B 447 30.51 17.44 -52.15
N VAL B 448 31.67 18.06 -52.32
CA VAL B 448 32.87 17.23 -52.35
C VAL B 448 33.71 17.39 -51.07
N THR B 458 28.38 7.34 -35.54
CA THR B 458 28.43 8.81 -35.75
C THR B 458 27.20 9.52 -35.13
N MET B 459 26.84 9.05 -33.94
CA MET B 459 25.93 9.75 -33.06
C MET B 459 26.71 10.94 -32.44
N ARG B 460 26.14 12.14 -32.35
CA ARG B 460 26.81 13.22 -31.62
C ARG B 460 26.41 13.16 -30.12
N LEU B 461 27.40 12.97 -29.27
CA LEU B 461 27.13 12.69 -27.90
C LEU B 461 27.85 13.58 -26.97
N GLY B 462 27.16 14.16 -26.01
CA GLY B 462 27.93 14.83 -24.97
C GLY B 462 27.93 16.33 -25.11
N ALA B 463 28.80 16.92 -24.32
CA ALA B 463 28.81 18.37 -24.13
C ALA B 463 29.53 18.95 -25.31
N GLN B 464 28.92 19.87 -26.01
CA GLN B 464 29.66 20.45 -27.10
C GLN B 464 29.48 21.93 -27.08
N GLN B 465 30.53 22.67 -27.43
CA GLN B 465 30.44 24.13 -27.58
C GLN B 465 29.55 24.54 -28.74
N CYS B 466 28.80 25.62 -28.56
CA CYS B 466 27.90 26.11 -29.61
C CYS B 466 27.95 27.65 -29.70
N GLN B 467 28.25 28.18 -30.89
CA GLN B 467 28.31 29.64 -31.14
C GLN B 467 26.94 30.26 -31.38
N LEU B 468 26.60 31.25 -30.55
CA LEU B 468 25.33 31.93 -30.71
C LEU B 468 25.38 33.11 -31.70
N VAL B 469 24.39 33.22 -32.59
CA VAL B 469 24.28 34.26 -33.63
C VAL B 469 23.95 35.64 -33.07
N ASP B 470 24.75 36.64 -33.44
CA ASP B 470 24.65 37.98 -32.84
C ASP B 470 23.29 38.63 -32.62
N ASP B 471 22.29 38.41 -33.45
CA ASP B 471 21.01 39.11 -33.10
C ASP B 471 19.83 38.24 -32.68
N SER B 472 20.12 37.13 -32.03
CA SER B 472 19.08 36.15 -31.77
C SER B 472 18.57 36.25 -30.38
N LEU B 473 17.34 35.80 -30.25
CA LEU B 473 16.70 35.63 -28.97
C LEU B 473 17.64 34.89 -28.02
N VAL B 474 18.23 33.78 -28.47
CA VAL B 474 18.98 32.96 -27.54
C VAL B 474 20.29 33.63 -27.18
N ARG B 475 20.78 34.54 -28.00
CA ARG B 475 22.10 35.17 -27.68
C ARG B 475 21.91 36.08 -26.48
N GLN B 476 20.68 36.58 -26.36
CA GLN B 476 20.33 37.45 -25.30
C GLN B 476 20.03 36.61 -24.05
N LEU B 477 19.12 35.62 -24.17
CA LEU B 477 18.79 34.69 -23.07
C LEU B 477 20.02 34.05 -22.42
N TYR B 478 20.97 33.57 -23.19
CA TYR B 478 22.07 32.87 -22.52
C TYR B 478 23.08 33.89 -22.15
N ASN B 479 22.93 35.06 -22.77
CA ASN B 479 23.81 36.14 -22.47
C ASN B 479 25.31 35.85 -22.55
N ALA B 480 25.75 35.17 -23.59
CA ALA B 480 27.20 34.96 -23.84
C ALA B 480 27.29 34.57 -25.30
N PRO B 481 28.47 34.75 -25.93
CA PRO B 481 28.50 34.45 -27.37
C PRO B 481 28.61 32.94 -27.66
N THR B 482 29.07 32.21 -26.63
CA THR B 482 29.37 30.79 -26.68
C THR B 482 28.79 30.04 -25.48
N ILE B 483 28.08 28.95 -25.74
CA ILE B 483 27.56 28.11 -24.66
C ILE B 483 27.93 26.65 -24.78
N VAL B 484 27.81 25.90 -23.68
CA VAL B 484 28.02 24.45 -23.74
C VAL B 484 26.76 23.65 -23.46
N GLU B 485 26.26 22.91 -24.42
CA GLU B 485 25.09 22.09 -24.18
C GLU B 485 25.34 20.63 -24.59
N ARG B 486 24.39 19.72 -24.36
CA ARG B 486 24.68 18.30 -24.52
C ARG B 486 23.88 17.67 -25.65
N HIS B 487 24.57 16.86 -26.47
CA HIS B 487 23.93 16.19 -27.60
C HIS B 487 23.69 14.72 -27.43
N ARG B 488 22.61 14.27 -28.04
CA ARG B 488 22.39 12.87 -28.36
C ARG B 488 21.44 12.81 -29.55
N HIS B 489 22.06 12.79 -30.76
CA HIS B 489 21.37 12.75 -32.09
C HIS B 489 22.32 12.42 -33.23
N ARG B 490 21.79 11.92 -34.36
CA ARG B 490 22.67 11.67 -35.51
C ARG B 490 22.25 12.49 -36.74
N TYR B 491 20.94 12.71 -36.89
CA TYR B 491 20.43 13.47 -38.04
C TYR B 491 20.64 14.97 -37.92
N GLU B 492 21.34 15.55 -38.90
CA GLU B 492 21.68 16.98 -38.91
C GLU B 492 20.84 17.82 -39.86
N VAL B 493 20.95 19.15 -39.72
CA VAL B 493 20.28 20.07 -40.63
C VAL B 493 21.06 20.02 -41.92
N ASN B 494 20.33 19.72 -42.99
CA ASN B 494 20.91 19.59 -44.33
C ASN B 494 21.39 20.94 -44.87
N ASN B 495 22.71 21.22 -44.79
CA ASN B 495 23.29 22.51 -45.22
C ASN B 495 23.04 22.85 -46.70
N MET B 496 22.92 21.83 -47.51
CA MET B 496 22.63 22.00 -48.91
C MET B 496 21.22 22.56 -49.17
N LEU B 497 20.24 22.23 -48.34
CA LEU B 497 18.96 22.88 -48.50
C LEU B 497 18.78 24.05 -47.54
N LEU B 498 19.85 24.52 -46.90
CA LEU B 498 19.68 25.53 -45.85
C LEU B 498 19.35 26.94 -46.38
N LYS B 499 20.23 27.47 -47.26
CA LYS B 499 20.02 28.81 -47.86
C LYS B 499 18.62 29.01 -48.36
N GLN B 500 18.04 28.00 -48.99
CA GLN B 500 16.66 28.15 -49.45
C GLN B 500 15.66 28.37 -48.31
N ILE B 501 15.93 27.85 -47.11
CA ILE B 501 14.99 28.07 -46.00
C ILE B 501 15.21 29.41 -45.27
N GLU B 502 16.49 29.81 -45.11
CA GLU B 502 16.81 31.14 -44.59
C GLU B 502 16.15 32.24 -45.44
N ASP B 503 16.36 32.16 -46.76
CA ASP B 503 15.71 33.04 -47.73
C ASP B 503 14.19 33.19 -47.51
N ALA B 504 13.53 32.15 -47.02
CA ALA B 504 12.08 32.26 -46.74
C ALA B 504 11.74 32.78 -45.34
N GLY B 505 12.73 33.27 -44.59
CA GLY B 505 12.47 33.87 -43.28
C GLY B 505 13.19 33.32 -42.06
N LEU B 506 13.32 32.00 -42.01
CA LEU B 506 13.92 31.27 -40.89
C LEU B 506 15.32 31.74 -40.58
N ARG B 507 15.64 31.85 -39.30
CA ARG B 507 16.97 32.31 -38.94
C ARG B 507 17.73 31.26 -38.10
N VAL B 508 19.00 31.15 -38.41
CA VAL B 508 19.91 30.31 -37.74
C VAL B 508 20.40 31.10 -36.54
N ALA B 509 20.23 30.53 -35.34
CA ALA B 509 20.65 31.21 -34.10
C ALA B 509 21.87 30.59 -33.43
N GLY B 510 22.23 29.36 -33.79
CA GLY B 510 23.54 28.86 -33.34
C GLY B 510 24.02 27.72 -34.20
N ARG B 511 25.34 27.55 -34.24
CA ARG B 511 26.07 26.59 -35.04
C ARG B 511 27.09 25.93 -34.13
N SER B 512 27.74 24.85 -34.57
CA SER B 512 28.79 24.20 -33.78
C SER B 512 30.13 25.02 -33.71
N GLY B 513 31.26 24.32 -33.61
CA GLY B 513 32.56 25.01 -33.61
C GLY B 513 33.14 25.02 -35.02
N ASP B 514 33.13 23.85 -35.64
CA ASP B 514 33.70 23.65 -36.98
C ASP B 514 32.59 23.06 -37.85
N ASP B 515 32.74 23.11 -39.19
CA ASP B 515 31.82 22.45 -40.14
C ASP B 515 30.41 23.04 -40.06
N GLN B 516 30.35 24.19 -39.40
CA GLN B 516 29.10 24.88 -39.12
C GLN B 516 27.82 24.04 -39.34
N LEU B 517 27.49 23.20 -38.36
CA LEU B 517 26.21 22.54 -38.39
C LEU B 517 25.27 23.41 -37.57
N VAL B 518 24.00 23.40 -37.91
CA VAL B 518 23.04 24.22 -37.24
C VAL B 518 22.57 23.60 -35.93
N GLU B 519 22.78 24.32 -34.81
CA GLU B 519 22.28 23.92 -33.48
C GLU B 519 20.96 24.58 -33.09
N ILE B 520 20.70 25.80 -33.53
CA ILE B 520 19.46 26.46 -33.11
C ILE B 520 18.76 27.26 -34.23
N ILE B 521 17.45 27.11 -34.33
CA ILE B 521 16.71 27.92 -35.26
C ILE B 521 15.63 28.76 -34.57
N GLU B 522 15.34 29.94 -35.12
CA GLU B 522 14.30 30.84 -34.62
C GLU B 522 13.40 31.30 -35.77
N VAL B 523 12.09 31.32 -35.56
CA VAL B 523 11.16 31.99 -36.50
C VAL B 523 10.90 33.39 -35.94
N PRO B 524 11.34 34.44 -36.67
CA PRO B 524 11.44 35.73 -35.98
C PRO B 524 10.16 36.57 -36.05
N ASN B 525 9.13 36.04 -36.70
CA ASN B 525 7.86 36.72 -36.82
C ASN B 525 6.86 36.29 -35.74
N HIS B 526 7.37 35.99 -34.54
CA HIS B 526 6.63 35.22 -33.55
C HIS B 526 7.02 35.75 -32.15
N PRO B 527 6.09 35.73 -31.19
CA PRO B 527 6.52 36.22 -29.89
C PRO B 527 7.77 35.51 -29.34
N TRP B 528 7.83 34.18 -29.51
CA TRP B 528 8.84 33.30 -28.91
C TRP B 528 8.85 31.93 -29.56
N PHE B 529 9.76 31.73 -30.49
CA PHE B 529 9.81 30.45 -31.23
C PHE B 529 11.25 30.08 -31.41
N VAL B 530 11.72 29.17 -30.53
CA VAL B 530 13.09 28.64 -30.52
C VAL B 530 13.06 27.11 -30.58
N ALA B 531 14.09 26.53 -31.23
CA ALA B 531 14.27 25.07 -31.33
C ALA B 531 15.76 24.75 -31.44
N CYS B 532 16.18 23.68 -30.79
CA CYS B 532 17.61 23.41 -30.70
C CYS B 532 17.83 21.91 -30.82
N GLN B 533 19.06 21.53 -31.12
CA GLN B 533 19.41 20.16 -31.42
C GLN B 533 19.86 19.51 -30.16
N PHE B 534 20.53 20.30 -29.32
CA PHE B 534 21.08 19.79 -28.08
C PHE B 534 19.94 19.61 -27.06
N HIS B 535 20.22 18.92 -25.95
CA HIS B 535 19.16 18.71 -24.97
C HIS B 535 19.35 19.66 -23.84
N PRO B 536 18.70 20.81 -23.90
CA PRO B 536 19.13 21.75 -22.86
C PRO B 536 18.63 21.32 -21.48
N GLU B 537 17.62 20.45 -21.44
CA GLU B 537 17.04 19.98 -20.19
C GLU B 537 18.04 19.26 -19.31
N PHE B 538 19.13 18.78 -19.87
CA PHE B 538 20.11 18.07 -19.04
C PHE B 538 21.06 19.00 -18.32
N THR B 539 20.91 20.30 -18.48
CA THR B 539 21.79 21.20 -17.73
C THR B 539 20.91 22.09 -16.91
N SER B 540 19.61 21.85 -16.93
CA SER B 540 18.72 22.63 -16.07
C SER B 540 18.66 22.07 -14.66
N THR B 541 18.57 22.91 -13.64
CA THR B 541 18.50 22.45 -12.21
C THR B 541 17.51 23.33 -11.44
N PRO B 542 16.98 22.84 -10.30
CA PRO B 542 16.05 23.74 -9.62
C PRO B 542 16.76 24.97 -9.01
N ARG B 543 17.99 24.83 -8.51
CA ARG B 543 18.65 26.00 -7.89
C ARG B 543 19.06 27.05 -8.91
N ASP B 544 19.67 26.63 -10.00
CA ASP B 544 20.22 27.58 -10.95
C ASP B 544 19.42 27.76 -12.20
N GLY B 545 18.36 26.98 -12.37
CA GLY B 545 17.41 27.18 -13.52
C GLY B 545 18.04 26.94 -14.90
N HIS B 546 17.47 27.48 -15.96
CA HIS B 546 18.08 27.40 -17.27
C HIS B 546 17.55 28.54 -18.12
N PRO B 547 18.45 29.29 -18.80
CA PRO B 547 18.03 30.53 -19.52
C PRO B 547 16.93 30.29 -20.60
N LEU B 548 17.10 29.22 -21.39
CA LEU B 548 16.09 28.81 -22.36
C LEU B 548 14.73 28.51 -21.74
N PHE B 549 14.69 27.69 -20.69
CA PHE B 549 13.38 27.36 -20.12
C PHE B 549 12.75 28.53 -19.44
N ALA B 550 13.59 29.34 -18.76
CA ALA B 550 13.07 30.49 -18.05
C ALA B 550 12.42 31.42 -19.08
N GLY B 551 13.19 31.74 -20.14
CA GLY B 551 12.60 32.41 -21.30
C GLY B 551 11.31 31.78 -21.82
N PHE B 552 11.34 30.48 -22.09
CA PHE B 552 10.16 29.84 -22.62
C PHE B 552 8.98 30.05 -21.70
N VAL B 553 9.19 29.91 -20.40
CA VAL B 553 8.04 30.01 -19.47
C VAL B 553 7.52 31.43 -19.31
N LYS B 554 8.44 32.43 -19.20
CA LYS B 554 8.10 33.84 -19.22
C LYS B 554 7.14 34.13 -20.38
N ALA B 555 7.56 33.71 -21.57
CA ALA B 555 6.76 33.90 -22.79
C ALA B 555 5.38 33.27 -22.66
N ALA B 556 5.31 32.10 -22.03
CA ALA B 556 4.03 31.44 -21.87
C ALA B 556 3.15 32.25 -20.98
N SER B 557 3.78 32.91 -19.99
CA SER B 557 3.04 33.70 -19.04
C SER B 557 2.57 34.99 -19.72
N GLU B 558 3.48 35.63 -20.45
CA GLU B 558 3.16 36.77 -21.28
C GLU B 558 1.98 36.45 -22.18
N PHE B 559 2.09 35.36 -22.94
CA PHE B 559 0.99 34.95 -23.82
C PHE B 559 -0.29 34.64 -23.07
N GLN B 560 -0.19 34.00 -21.92
CA GLN B 560 -1.40 33.70 -21.16
C GLN B 560 -2.17 34.99 -20.79
N LYS B 561 -1.40 36.02 -20.41
CA LYS B 561 -1.93 37.30 -19.92
C LYS B 561 -2.50 38.22 -21.00
N ARG B 562 -2.15 38.00 -22.25
CA ARG B 562 -2.80 38.80 -23.28
C ARG B 562 -4.05 38.13 -23.85
N GLN B 563 -4.37 36.94 -23.37
CA GLN B 563 -5.62 36.29 -23.77
C GLN B 563 -6.67 36.54 -22.71
N ALA B 564 -6.29 37.21 -21.62
CA ALA B 564 -7.18 37.30 -20.45
C ALA B 564 -7.75 38.69 -20.21
N GLN C . -19.13 -8.35 34.18
CA GLN C . -20.49 -8.94 33.93
C GLN C . -20.51 -10.39 34.43
O GLN C . -19.47 -11.04 34.57
CB GLN C . -20.90 -8.82 32.45
CG GLN C . -19.92 -9.43 31.44
CD GLN C . -20.22 -9.05 30.01
OE1 GLN C . -20.95 -8.10 29.79
NE2 GLN C . -19.65 -9.79 29.02
OXT GLN C . -21.59 -10.92 34.73
S SO4 D . -6.90 -11.31 9.20
O1 SO4 D . -5.79 -11.68 8.23
O2 SO4 D . -7.71 -10.06 8.97
O3 SO4 D . -7.95 -12.36 9.43
O4 SO4 D . -6.07 -11.20 10.41
S SO4 E . -4.36 -13.78 12.19
O1 SO4 E . -3.05 -13.15 11.76
O2 SO4 E . -5.17 -14.16 11.02
O3 SO4 E . -5.31 -12.92 12.95
O4 SO4 E . -4.09 -14.95 13.01
C1 MPD F . -13.33 -5.60 5.08
C2 MPD F . -12.17 -6.06 4.20
O2 MPD F . -12.17 -5.20 3.01
CM MPD F . -10.89 -6.07 5.05
C3 MPD F . -12.31 -7.51 3.80
C4 MPD F . -12.01 -7.85 2.33
O4 MPD F . -11.82 -6.74 1.41
C5 MPD F . -10.83 -8.81 2.28
S SO4 G . -27.12 8.15 41.29
O1 SO4 G . -27.43 9.53 40.87
O2 SO4 G . -27.18 7.29 40.09
O3 SO4 G . -28.08 7.67 42.32
O4 SO4 G . -25.76 8.13 41.86
S SO4 H . -10.27 -1.57 32.35
O1 SO4 H . -10.26 -1.19 30.91
O2 SO4 H . -9.15 -2.53 32.56
O3 SO4 H . -10.17 -0.38 33.22
O4 SO4 H . -11.54 -2.17 32.75
MG MG I . 7.84 -4.64 -12.48
N1 CTP J . 6.52 -12.60 15.30
C2 CTP J . 7.08 -13.85 14.93
N3 CTP J . 8.32 -13.89 14.40
C4 CTP J . 9.01 -12.75 14.19
C5 CTP J . 8.48 -11.50 14.55
C6 CTP J . 7.21 -11.44 15.11
O2 CTP J . 6.46 -14.93 15.10
N4 CTP J . 10.24 -12.92 13.64
C1' CTP J . 5.19 -12.60 15.86
C2' CTP J . 5.05 -12.28 17.33
O2' CTP J . 5.14 -13.50 18.07
C3' CTP J . 3.67 -11.65 17.38
C4' CTP J . 3.26 -11.43 15.92
O4' CTP J . 4.49 -11.55 15.24
O3' CTP J . 2.73 -12.54 17.97
C5' CTP J . 2.66 -10.06 15.61
O5' CTP J . 2.11 -10.10 14.30
PA CTP J . 2.04 -8.83 13.35
O1A CTP J . 1.61 -9.42 12.01
O2A CTP J . 1.29 -7.71 13.97
O3A CTP J . 3.62 -8.43 13.36
PB CTP J . 4.20 -6.99 13.77
O1B CTP J . 5.59 -7.30 14.18
O2B CTP J . 3.27 -6.23 14.65
O3B CTP J . 4.38 -6.20 12.40
PG CTP J . 3.32 -5.22 11.70
O1G CTP J . 3.45 -5.56 10.23
O2G CTP J . 3.84 -3.82 12.03
O3G CTP J . 2.08 -5.69 12.37
MG MG K . 1.33 -5.62 14.40
N1 CTP L . 14.10 -10.53 -11.20
C2 CTP L . 15.15 -11.19 -10.52
N3 CTP L . 14.88 -12.30 -9.78
C4 CTP L . 13.62 -12.77 -9.68
C5 CTP L . 12.56 -12.16 -10.33
C6 CTP L . 12.84 -11.02 -11.09
O2 CTP L . 16.32 -10.75 -10.62
N4 CTP L . 13.40 -13.86 -8.92
C1' CTP L . 14.37 -9.34 -11.98
C2' CTP L . 14.30 -9.41 -13.49
O2' CTP L . 15.61 -9.62 -14.00
C3' CTP L . 13.81 -8.02 -13.90
C4' CTP L . 13.35 -7.36 -12.60
O4' CTP L . 13.33 -8.43 -11.66
O3' CTP L . 14.91 -7.32 -14.48
C5' CTP L . 12.01 -6.62 -12.61
O5' CTP L . 11.96 -5.81 -11.46
PA CTP L . 10.63 -5.28 -10.81
O1A CTP L . 9.78 -4.60 -11.79
O2A CTP L . 11.03 -4.61 -9.52
O3A CTP L . 9.99 -6.72 -10.46
PB CTP L . 8.65 -7.35 -11.11
O1B CTP L . 8.14 -6.68 -12.33
O2B CTP L . 9.01 -8.78 -11.18
O3B CTP L . 7.55 -7.19 -9.94
PG CTP L . 6.65 -5.91 -9.64
O1G CTP L . 7.31 -4.90 -10.52
O2G CTP L . 5.22 -6.34 -9.93
O3G CTP L . 6.78 -5.69 -8.16
N GLN M . 15.84 10.89 -34.26
CA GLN M . 16.61 12.18 -34.20
C GLN M . 18.12 11.94 -34.42
O GLN M . 18.87 12.85 -34.81
CB GLN M . 16.32 12.95 -32.88
CG GLN M . 16.78 12.25 -31.56
CD GLN M . 16.09 12.80 -30.31
OE1 GLN M . 15.22 13.65 -30.42
NE2 GLN M . 16.49 12.31 -29.10
OXT GLN M . 18.64 10.83 -34.21
S SO4 N . 13.74 3.58 -7.67
O1 SO4 N . 15.00 4.40 -7.89
O2 SO4 N . 13.66 2.47 -8.64
O3 SO4 N . 12.62 4.57 -7.75
O4 SO4 N . 13.75 2.83 -6.39
S SO4 O . 16.27 0.84 -9.79
O1 SO4 O . 17.56 0.38 -10.29
O2 SO4 O . 15.68 1.71 -10.88
O3 SO4 O . 15.47 -0.35 -9.35
O4 SO4 O . 16.55 1.77 -8.67
C1 MPD P . 8.56 11.59 -5.27
C2 MPD P . 8.46 10.29 -4.52
O2 MPD P . 7.08 10.40 -3.89
CM MPD P . 8.53 9.18 -5.44
C3 MPD P . 9.62 10.04 -3.54
C4 MPD P . 9.54 10.87 -2.26
O4 MPD P . 8.22 11.36 -1.95
C5 MPD P . 10.06 10.05 -1.11
S SO4 Q . 2.10 18.92 -45.43
O1 SO4 Q . 3.11 18.55 -46.47
O2 SO4 Q . 1.33 20.13 -45.80
O3 SO4 Q . 2.81 19.17 -44.15
O4 SO4 Q . 1.10 17.87 -45.18
S SO4 R . 7.74 3.47 -32.15
O1 SO4 R . 7.64 4.14 -33.44
O2 SO4 R . 8.81 2.46 -32.18
O3 SO4 R . 8.09 4.45 -31.11
O4 SO4 R . 6.45 2.86 -31.89
C1 MRD S . 3.44 15.91 -16.09
C2 MRD S . 3.22 15.07 -14.82
O2 MRD S . 1.81 14.80 -14.83
CM MRD S . 3.99 13.72 -14.80
C3 MRD S . 3.50 15.88 -13.53
C4 MRD S . 4.93 16.17 -13.21
O4 MRD S . 5.63 15.74 -12.06
C5 MRD S . 5.00 17.59 -12.99
C1 MRD T . 2.55 21.66 -5.70
C2 MRD T . 2.91 22.62 -4.53
O2 MRD T . 1.91 22.67 -3.53
CM MRD T . 4.17 22.21 -3.77
C3 MRD T . 3.05 24.07 -5.04
C4 MRD T . 1.72 24.79 -5.34
O4 MRD T . 1.31 24.73 -6.80
C5 MRD T . 1.84 26.18 -5.01
#